data_7C7G
#
_entry.id   7C7G
#
_cell.length_a   40.121
_cell.length_b   52.314
_cell.length_c   76.683
_cell.angle_alpha   77.254
_cell.angle_beta   86.161
_cell.angle_gamma   77.639
#
_symmetry.space_group_name_H-M   'P 1'
#
loop_
_entity.id
_entity.type
_entity.pdbx_description
1 polymer 'Aldo-keto reductase family 1 member C3'
2 non-polymer 'NADP NICOTINAMIDE-ADENINE-DINUCLEOTIDE PHOSPHATE'
3 non-polymer 2-azanylidene-N-(4-methylphenyl)-8-oxidanyl-chromene-3-carboxamide
4 water water
#
_entity_poly.entity_id   1
_entity_poly.type   'polypeptide(L)'
_entity_poly.pdbx_seq_one_letter_code
;GSMDSKHQCVKLNDGHFMPVLGFGTYAPPEVPRSKALEVTKLAIEAGFRHIDSAHLYNNEEQVGLAIRSKIADGSVKRED
IFYTSKLWSTFHRPELVRPALENSLKKAQLDYVDLYLIHSPMSLKPGEELSPTDENGKVIFDIVDLCTTWEAMEKCKDAG
LAKSIGVSNFNRRQLEMILNKPGLKYKPVCNQVECHPYFNRSKLLDFCKSKDIVLVAYSALGSQRDKRWVDPNSPVLLED
PVLCALAKKHKRTPALIALRYQLQRGVVVLAKSYNEQRIRQNVQVFEFQLTAEDMKAIDGLDRNLHYFNSDSFASHPNYP
YSDEY
;
_entity_poly.pdbx_strand_id   A,B
#
loop_
_chem_comp.id
_chem_comp.type
_chem_comp.name
_chem_comp.formula
FJR non-polymer 2-azanylidene-N-(4-methylphenyl)-8-oxidanyl-chromene-3-carboxamide 'C17 H14 N2 O3'
NAP non-polymer 'NADP NICOTINAMIDE-ADENINE-DINUCLEOTIDE PHOSPHATE' 'C21 H28 N7 O17 P3'
#
# COMPACT_ATOMS: atom_id res chain seq x y z
N HIS A 7 11.81 26.08 19.26
CA HIS A 7 12.68 25.78 20.40
C HIS A 7 12.77 24.27 20.72
N GLN A 8 11.66 23.56 20.52
CA GLN A 8 11.53 22.22 21.08
C GLN A 8 12.41 21.19 20.38
N CYS A 9 12.93 20.26 21.17
CA CYS A 9 13.70 19.12 20.71
C CYS A 9 13.05 17.84 21.21
N VAL A 10 13.38 16.73 20.54
CA VAL A 10 13.03 15.40 21.01
C VAL A 10 14.32 14.71 21.43
N LYS A 11 14.22 13.85 22.44
CA LYS A 11 15.40 13.11 22.87
C LYS A 11 15.56 11.86 22.02
N LEU A 12 16.76 11.67 21.50
CA LEU A 12 17.05 10.53 20.66
C LEU A 12 17.52 9.35 21.51
N ASN A 13 17.29 8.15 20.99
CA ASN A 13 17.58 6.95 21.77
C ASN A 13 19.06 6.77 22.09
N ASP A 14 19.95 7.46 21.38
CA ASP A 14 21.34 7.52 21.79
C ASP A 14 21.62 8.67 22.76
N GLY A 15 20.58 9.36 23.21
CA GLY A 15 20.75 10.42 24.19
C GLY A 15 21.03 11.78 23.63
N HIS A 16 21.14 11.92 22.31
CA HIS A 16 21.25 13.23 21.69
C HIS A 16 19.86 13.82 21.46
N PHE A 17 19.82 15.10 21.13
CA PHE A 17 18.57 15.84 21.00
C PHE A 17 18.43 16.40 19.60
N MET A 18 17.28 16.16 18.98
CA MET A 18 17.03 16.59 17.61
C MET A 18 15.94 17.67 17.59
N PRO A 19 16.17 18.87 17.07
CA PRO A 19 15.08 19.85 17.00
C PRO A 19 13.96 19.33 16.10
N VAL A 20 12.72 19.48 16.56
CA VAL A 20 11.60 18.84 15.88
C VAL A 20 11.21 19.52 14.57
N LEU A 21 11.72 20.71 14.29
CA LEU A 21 11.49 21.36 13.01
C LEU A 21 12.82 21.50 12.29
N GLY A 22 12.90 20.99 11.08
CA GLY A 22 14.11 21.05 10.29
C GLY A 22 13.89 21.75 8.95
N PHE A 23 14.97 22.37 8.46
CA PHE A 23 15.01 23.09 7.19
C PHE A 23 15.53 22.15 6.11
N GLY A 24 14.71 21.89 5.09
CA GLY A 24 15.16 21.10 3.95
C GLY A 24 15.90 21.96 2.94
N THR A 25 17.03 21.46 2.44
CA THR A 25 17.93 22.27 1.62
C THR A 25 17.97 21.84 0.16
N TYR A 26 17.30 20.76 -0.23
CA TYR A 26 17.35 20.35 -1.62
C TYR A 26 16.72 21.40 -2.52
N ALA A 27 17.39 21.70 -3.63
CA ALA A 27 16.88 22.50 -4.73
C ALA A 27 17.37 21.90 -6.04
N PRO A 28 16.56 21.92 -7.10
CA PRO A 28 16.94 21.27 -8.39
C PRO A 28 18.21 21.85 -8.98
N PRO A 29 18.85 21.14 -9.92
CA PRO A 29 20.13 21.65 -10.46
C PRO A 29 20.02 23.03 -11.08
N GLU A 30 18.81 23.46 -11.41
CA GLU A 30 18.62 24.76 -12.05
C GLU A 30 18.99 25.89 -11.10
N VAL A 31 18.46 25.85 -9.89
CA VAL A 31 18.67 26.87 -8.87
C VAL A 31 20.15 27.03 -8.62
N PRO A 32 20.71 28.23 -8.78
CA PRO A 32 22.15 28.42 -8.61
C PRO A 32 22.59 28.04 -7.21
N ARG A 33 23.79 27.47 -7.12
CA ARG A 33 24.27 26.98 -5.83
C ARG A 33 24.37 28.09 -4.79
N SER A 34 24.63 29.32 -5.21
CA SER A 34 24.69 30.41 -4.24
C SER A 34 23.43 30.49 -3.39
N LYS A 35 22.26 30.12 -3.95
CA LYS A 35 21.02 30.22 -3.19
C LYS A 35 21.04 29.36 -1.94
N ALA A 36 21.70 28.20 -1.99
CA ALA A 36 21.77 27.34 -0.81
C ALA A 36 22.40 28.08 0.36
N LEU A 37 23.43 28.89 0.09
CA LEU A 37 24.06 29.68 1.12
C LEU A 37 23.05 30.67 1.70
N GLU A 38 22.43 31.45 0.83
CA GLU A 38 21.62 32.57 1.32
C GLU A 38 20.47 32.07 2.18
N VAL A 39 19.68 31.14 1.65
CA VAL A 39 18.48 30.68 2.33
C VAL A 39 18.84 29.95 3.62
N THR A 40 19.97 29.24 3.65
CA THR A 40 20.29 28.54 4.89
C THR A 40 20.60 29.55 5.99
N LYS A 41 21.29 30.65 5.63
CA LYS A 41 21.47 31.71 6.62
C LYS A 41 20.12 32.26 7.03
N LEU A 42 19.23 32.49 6.05
CA LEU A 42 17.90 32.97 6.38
C LEU A 42 17.19 32.00 7.31
N ALA A 43 17.33 30.69 7.05
CA ALA A 43 16.61 29.75 7.89
C ALA A 43 17.15 29.83 9.32
N ILE A 44 18.47 29.95 9.45
CA ILE A 44 19.03 30.07 10.79
C ILE A 44 18.57 31.36 11.45
N GLU A 45 18.54 32.44 10.70
CA GLU A 45 18.08 33.71 11.27
C GLU A 45 16.61 33.61 11.71
N ALA A 46 15.82 32.89 10.92
CA ALA A 46 14.41 32.65 11.20
C ALA A 46 14.16 31.87 12.49
N GLY A 47 15.05 30.95 12.80
CA GLY A 47 14.89 30.12 13.98
C GLY A 47 15.12 28.64 13.79
N PHE A 48 15.30 28.19 12.57
CA PHE A 48 15.58 26.78 12.34
C PHE A 48 16.93 26.44 12.98
N ARG A 49 17.02 25.27 13.58
CA ARG A 49 18.25 24.79 14.17
C ARG A 49 18.61 23.41 13.67
N HIS A 50 17.75 22.80 12.87
CA HIS A 50 17.94 21.49 12.26
C HIS A 50 18.00 21.72 10.75
N ILE A 51 19.09 21.26 10.15
CA ILE A 51 19.33 21.46 8.73
C ILE A 51 19.53 20.14 8.04
N ASP A 52 18.76 19.88 6.99
CA ASP A 52 18.84 18.63 6.28
C ASP A 52 19.50 18.80 4.92
N SER A 53 20.54 18.03 4.69
CA SER A 53 21.30 18.05 3.46
C SER A 53 21.83 16.65 3.15
N ALA A 54 22.44 16.48 1.99
CA ALA A 54 23.00 15.19 1.58
C ALA A 54 24.03 15.33 0.49
N HIS A 55 24.92 14.34 0.37
CA HIS A 55 25.84 14.33 -0.76
C HIS A 55 25.10 14.52 -2.08
N LEU A 56 23.93 13.91 -2.19
CA LEU A 56 23.14 13.96 -3.40
C LEU A 56 22.72 15.37 -3.82
N TYR A 57 22.41 16.20 -2.83
CA TYR A 57 21.94 17.56 -3.09
C TYR A 57 22.91 18.53 -3.77
N ASN A 58 24.20 18.24 -3.73
CA ASN A 58 25.25 19.08 -4.32
C ASN A 58 25.22 20.50 -3.76
N ASN A 59 25.02 20.61 -2.45
CA ASN A 59 25.01 21.90 -1.78
C ASN A 59 25.69 21.91 -0.40
N GLU A 60 26.44 20.86 -0.09
CA GLU A 60 27.07 20.77 1.22
C GLU A 60 28.04 21.90 1.47
N GLU A 61 28.83 22.26 0.46
CA GLU A 61 29.71 23.41 0.58
C GLU A 61 28.93 24.65 0.99
N GLN A 62 27.84 24.96 0.28
CA GLN A 62 27.13 26.21 0.55
C GLN A 62 26.37 26.15 1.88
N VAL A 63 25.78 25.00 2.20
CA VAL A 63 25.01 24.92 3.45
C VAL A 63 25.95 24.98 4.65
N GLY A 64 27.06 24.26 4.56
CA GLY A 64 28.07 24.34 5.61
C GLY A 64 28.65 25.72 5.75
N LEU A 65 28.87 26.41 4.63
CA LEU A 65 29.34 27.78 4.71
C LEU A 65 28.34 28.68 5.43
N ALA A 66 27.04 28.49 5.18
CA ALA A 66 26.03 29.27 5.89
C ALA A 66 26.09 29.03 7.40
N ILE A 67 26.21 27.75 7.78
CA ILE A 67 26.26 27.39 9.20
C ILE A 67 27.51 28.00 9.87
N ARG A 68 28.68 27.86 9.22
CA ARG A 68 29.92 28.49 9.72
C ARG A 68 29.79 30.00 9.81
N SER A 69 29.09 30.61 8.85
CA SER A 69 28.91 32.06 8.90
C SER A 69 28.08 32.49 10.10
N LYS A 70 27.00 31.75 10.40
CA LYS A 70 26.14 32.10 11.54
C LYS A 70 26.85 31.84 12.87
N ILE A 71 27.67 30.80 12.94
CA ILE A 71 28.50 30.60 14.11
C ILE A 71 29.52 31.73 14.25
N ALA A 72 30.16 32.12 13.13
CA ALA A 72 31.22 33.11 13.15
C ALA A 72 30.71 34.53 13.34
N ASP A 73 29.50 34.85 12.88
CA ASP A 73 29.01 36.18 13.23
C ASP A 73 28.40 36.21 14.63
N GLY A 74 28.45 35.10 15.36
CA GLY A 74 27.96 35.06 16.74
C GLY A 74 26.48 34.80 16.92
N SER A 75 25.77 34.33 15.90
CA SER A 75 24.34 34.13 16.01
C SER A 75 23.99 32.87 16.78
N VAL A 76 24.78 31.81 16.62
CA VAL A 76 24.56 30.52 17.26
C VAL A 76 25.94 29.94 17.50
N LYS A 77 25.97 28.80 18.20
CA LYS A 77 27.18 28.01 18.35
C LYS A 77 26.97 26.69 17.63
N ARG A 78 28.08 26.01 17.32
CA ARG A 78 27.99 24.73 16.63
C ARG A 78 27.01 23.79 17.33
N GLU A 79 26.96 23.88 18.67
CA GLU A 79 26.10 22.99 19.43
C GLU A 79 24.62 23.29 19.21
N ASP A 80 24.27 24.54 18.84
CA ASP A 80 22.88 24.89 18.59
C ASP A 80 22.35 24.27 17.29
N ILE A 81 23.23 23.94 16.34
CA ILE A 81 22.82 23.49 15.01
C ILE A 81 22.85 21.97 14.97
N PHE A 82 21.80 21.39 14.41
CA PHE A 82 21.69 19.96 14.18
C PHE A 82 21.76 19.75 12.68
N TYR A 83 22.90 19.26 12.19
CA TYR A 83 23.18 19.16 10.76
C TYR A 83 23.16 17.71 10.31
N THR A 84 22.38 17.43 9.27
CA THR A 84 22.23 16.07 8.76
C THR A 84 22.85 15.99 7.36
N SER A 85 23.64 14.94 7.14
CA SER A 85 24.03 14.56 5.79
C SER A 85 23.63 13.10 5.59
N LYS A 86 23.77 12.64 4.37
CA LYS A 86 23.24 11.33 4.01
C LYS A 86 24.27 10.65 3.14
N LEU A 87 24.50 9.38 3.44
CA LEU A 87 25.36 8.52 2.64
C LEU A 87 24.61 8.08 1.40
N TRP A 88 25.13 8.41 0.22
CA TRP A 88 24.46 8.11 -1.03
C TRP A 88 24.63 6.64 -1.39
N SER A 89 23.71 6.14 -2.24
CA SER A 89 23.57 4.70 -2.47
C SER A 89 24.72 4.08 -3.26
N THR A 90 25.53 4.88 -3.95
CA THR A 90 26.77 4.39 -4.54
C THR A 90 27.87 4.17 -3.52
N PHE A 91 27.61 4.41 -2.24
CA PHE A 91 28.65 4.27 -1.23
C PHE A 91 28.28 3.24 -0.16
N HIS A 92 27.40 2.28 -0.49
CA HIS A 92 26.92 1.34 0.52
C HIS A 92 27.96 0.29 0.90
N ARG A 93 28.89 -0.04 0.01
CA ARG A 93 29.95 -0.98 0.40
C ARG A 93 30.68 -0.42 1.61
N PRO A 94 30.93 -1.22 2.65
CA PRO A 94 31.37 -0.67 3.94
C PRO A 94 32.64 0.12 3.88
N GLU A 95 33.58 -0.25 2.99
CA GLU A 95 34.83 0.48 2.91
C GLU A 95 34.64 1.85 2.31
N LEU A 96 33.47 2.14 1.75
CA LEU A 96 33.19 3.43 1.18
C LEU A 96 32.46 4.38 2.13
N VAL A 97 31.96 3.86 3.26
CA VAL A 97 31.09 4.64 4.14
C VAL A 97 31.87 5.76 4.80
N ARG A 98 32.94 5.42 5.52
CA ARG A 98 33.69 6.46 6.21
C ARG A 98 34.29 7.51 5.28
N PRO A 99 34.89 7.16 4.14
CA PRO A 99 35.41 8.23 3.27
C PRO A 99 34.31 9.12 2.73
N ALA A 100 33.12 8.57 2.41
CA ALA A 100 32.03 9.42 1.95
C ALA A 100 31.67 10.46 3.00
N LEU A 101 31.63 10.03 4.27
CA LEU A 101 31.34 10.96 5.36
C LEU A 101 32.42 12.03 5.46
N GLU A 102 33.69 11.59 5.50
CA GLU A 102 34.80 12.55 5.55
C GLU A 102 34.75 13.52 4.38
N ASN A 103 34.29 13.09 3.21
CA ASN A 103 34.25 14.00 2.08
C ASN A 103 33.12 15.01 2.26
N SER A 104 31.99 14.54 2.79
CA SER A 104 30.91 15.46 3.13
C SER A 104 31.37 16.50 4.14
N LEU A 105 32.12 16.07 5.15
CA LEU A 105 32.63 16.98 6.17
C LEU A 105 33.66 17.96 5.61
N LYS A 106 34.52 17.49 4.68
CA LYS A 106 35.47 18.39 4.04
C LYS A 106 34.75 19.42 3.18
N LYS A 107 33.68 19.01 2.51
CA LYS A 107 32.93 19.94 1.69
C LYS A 107 32.21 20.97 2.54
N ALA A 108 31.58 20.52 3.64
CA ALA A 108 30.84 21.43 4.52
C ALA A 108 31.73 22.17 5.50
N GLN A 109 33.00 21.76 5.66
CA GLN A 109 33.96 22.44 6.56
C GLN A 109 33.51 22.35 8.03
N LEU A 110 32.84 21.28 8.42
CA LEU A 110 32.58 20.97 9.82
C LEU A 110 33.35 19.72 10.21
N ASP A 111 33.53 19.56 11.52
CA ASP A 111 34.27 18.43 12.06
C ASP A 111 33.40 17.20 12.25
N TYR A 112 32.08 17.36 12.37
CA TYR A 112 31.16 16.23 12.52
C TYR A 112 29.80 16.65 12.00
N VAL A 113 29.00 15.66 11.66
CA VAL A 113 27.58 15.92 11.45
C VAL A 113 26.86 15.44 12.69
N ASP A 114 25.79 16.13 13.07
CA ASP A 114 24.98 15.61 14.17
C ASP A 114 24.21 14.36 13.77
N LEU A 115 23.97 14.15 12.47
CA LEU A 115 23.17 13.01 12.01
C LEU A 115 23.67 12.54 10.64
N TYR A 116 24.07 11.28 10.54
CA TYR A 116 24.40 10.66 9.26
C TYR A 116 23.37 9.58 8.97
N LEU A 117 22.74 9.66 7.82
CA LEU A 117 21.70 8.74 7.40
C LEU A 117 22.18 7.89 6.23
N ILE A 118 21.77 6.63 6.22
CA ILE A 118 21.77 5.88 4.97
C ILE A 118 20.65 6.44 4.12
N HIS A 119 20.99 7.04 2.98
CA HIS A 119 20.01 7.85 2.24
C HIS A 119 18.86 6.99 1.72
N SER A 120 19.18 5.77 1.27
CA SER A 120 18.17 4.88 0.74
C SER A 120 18.64 3.44 0.90
N PRO A 121 17.71 2.47 0.98
CA PRO A 121 18.13 1.05 1.04
C PRO A 121 18.61 0.49 -0.28
N MET A 122 18.27 1.13 -1.40
CA MET A 122 18.56 0.58 -2.71
C MET A 122 20.00 0.93 -3.12
N SER A 123 20.90 -0.04 -2.94
CA SER A 123 22.31 0.15 -3.24
C SER A 123 22.56 0.24 -4.74
N LEU A 124 23.55 1.06 -5.11
CA LEU A 124 23.91 1.32 -6.50
C LEU A 124 25.36 0.93 -6.75
N LYS A 125 25.72 0.86 -8.03
CA LYS A 125 27.07 0.43 -8.41
C LYS A 125 28.11 1.46 -7.97
N PRO A 126 29.17 1.04 -7.29
CA PRO A 126 30.16 2.00 -6.78
C PRO A 126 30.93 2.66 -7.91
N GLY A 127 31.11 3.96 -7.80
CA GLY A 127 31.86 4.73 -8.77
C GLY A 127 31.69 6.19 -8.46
N GLU A 128 32.51 7.01 -9.13
CA GLU A 128 32.30 8.45 -8.85
C GLU A 128 31.07 8.99 -9.56
N GLU A 129 30.30 8.13 -10.19
CA GLU A 129 29.00 8.49 -10.74
C GLU A 129 27.94 8.39 -9.65
N LEU A 130 27.07 9.40 -9.57
CA LEU A 130 26.00 9.41 -8.58
C LEU A 130 24.90 8.43 -8.95
N SER A 131 24.61 8.32 -10.24
CA SER A 131 23.66 7.34 -10.77
C SER A 131 24.35 6.69 -11.96
N PRO A 132 24.98 5.54 -11.78
CA PRO A 132 25.65 4.87 -12.91
C PRO A 132 24.62 4.24 -13.83
N THR A 133 24.78 4.48 -15.14
CA THR A 133 23.91 3.96 -16.19
C THR A 133 24.69 3.05 -17.11
N ASP A 134 24.04 1.97 -17.56
CA ASP A 134 24.62 1.14 -18.61
C ASP A 134 24.29 1.79 -19.96
N GLU A 135 24.61 1.10 -21.05
CA GLU A 135 24.52 1.71 -22.37
C GLU A 135 23.09 2.01 -22.77
N ASN A 136 22.12 1.29 -22.24
CA ASN A 136 20.72 1.57 -22.50
C ASN A 136 20.13 2.64 -21.59
N GLY A 137 20.96 3.25 -20.74
CA GLY A 137 20.51 4.32 -19.89
C GLY A 137 19.77 3.90 -18.64
N LYS A 138 19.80 2.63 -18.27
CA LYS A 138 19.19 2.18 -17.02
C LYS A 138 20.26 2.08 -15.94
N VAL A 139 19.83 2.31 -14.71
CA VAL A 139 20.75 2.42 -13.58
C VAL A 139 21.23 1.03 -13.18
N ILE A 140 22.52 0.93 -12.85
CA ILE A 140 23.11 -0.35 -12.45
C ILE A 140 23.03 -0.48 -10.94
N PHE A 141 22.41 -1.56 -10.47
CA PHE A 141 22.27 -1.80 -9.05
C PHE A 141 23.51 -2.47 -8.48
N ASP A 142 23.60 -2.49 -7.16
CA ASP A 142 24.60 -3.27 -6.45
C ASP A 142 23.88 -4.10 -5.39
N ILE A 143 24.45 -5.25 -5.06
CA ILE A 143 23.93 -6.09 -4.00
C ILE A 143 24.84 -5.91 -2.79
N VAL A 144 24.29 -5.32 -1.74
CA VAL A 144 25.04 -5.07 -0.51
C VAL A 144 24.16 -5.44 0.66
N ASP A 145 24.69 -6.21 1.60
CA ASP A 145 24.00 -6.49 2.86
C ASP A 145 24.04 -5.23 3.72
N LEU A 146 22.90 -4.55 3.85
CA LEU A 146 22.87 -3.24 4.50
C LEU A 146 23.30 -3.32 5.96
N CYS A 147 23.38 -4.50 6.57
CA CYS A 147 23.91 -4.58 7.93
C CYS A 147 25.40 -4.28 7.94
N THR A 148 26.10 -4.62 6.87
CA THR A 148 27.51 -4.23 6.80
C THR A 148 27.64 -2.71 6.65
N THR A 149 26.74 -2.10 5.85
CA THR A 149 26.70 -0.65 5.81
C THR A 149 26.48 -0.10 7.21
N TRP A 150 25.55 -0.69 7.94
CA TRP A 150 25.26 -0.19 9.28
C TRP A 150 26.48 -0.28 10.18
N GLU A 151 27.25 -1.37 10.07
CA GLU A 151 28.46 -1.48 10.88
C GLU A 151 29.41 -0.34 10.58
N ALA A 152 29.60 -0.04 9.29
CA ALA A 152 30.50 1.07 8.97
C ALA A 152 29.96 2.40 9.47
N MET A 153 28.62 2.55 9.48
CA MET A 153 28.00 3.72 10.09
C MET A 153 28.31 3.79 11.58
N GLU A 154 28.18 2.66 12.28
CA GLU A 154 28.49 2.64 13.71
C GLU A 154 29.93 3.05 13.95
N LYS A 155 30.84 2.61 13.07
CA LYS A 155 32.23 3.00 13.18
C LYS A 155 32.39 4.51 13.05
N CYS A 156 31.62 5.12 12.15
CA CYS A 156 31.63 6.59 12.06
C CYS A 156 31.17 7.22 13.37
N LYS A 157 30.16 6.62 14.02
CA LYS A 157 29.71 7.17 15.30
C LYS A 157 30.84 7.13 16.33
N ASP A 158 31.48 5.97 16.48
CA ASP A 158 32.58 5.85 17.44
C ASP A 158 33.72 6.81 17.12
N ALA A 159 33.98 7.07 15.84
CA ALA A 159 35.04 8.02 15.52
C ALA A 159 34.68 9.46 15.89
N GLY A 160 33.41 9.74 16.20
CA GLY A 160 33.01 11.10 16.47
C GLY A 160 32.71 11.92 15.25
N LEU A 161 32.74 11.30 14.07
CA LEU A 161 32.41 11.99 12.84
C LEU A 161 30.92 12.26 12.72
N ALA A 162 30.09 11.43 13.35
CA ALA A 162 28.64 11.61 13.39
C ALA A 162 28.15 11.39 14.81
N LYS A 163 27.47 12.40 15.38
CA LYS A 163 26.94 12.24 16.74
C LYS A 163 25.92 11.11 16.80
N SER A 164 24.98 11.11 15.86
CA SER A 164 23.92 10.12 15.78
C SER A 164 23.86 9.60 14.37
N ILE A 165 23.36 8.38 14.23
CA ILE A 165 23.25 7.71 12.94
C ILE A 165 21.84 7.19 12.78
N GLY A 166 21.30 7.32 11.58
CA GLY A 166 20.00 6.75 11.29
C GLY A 166 19.87 6.35 9.85
N VAL A 167 18.64 6.12 9.39
CA VAL A 167 18.36 5.62 8.06
C VAL A 167 17.25 6.46 7.42
N SER A 168 17.04 6.23 6.13
CA SER A 168 16.03 7.01 5.43
C SER A 168 15.46 6.14 4.33
N ASN A 169 14.13 6.19 4.17
CA ASN A 169 13.39 5.47 3.13
C ASN A 169 13.37 3.96 3.37
N PHE A 170 13.46 3.56 4.61
CA PHE A 170 13.45 2.17 5.00
C PHE A 170 12.03 1.74 5.39
N ASN A 171 11.61 0.56 4.95
CA ASN A 171 10.34 0.02 5.41
C ASN A 171 10.54 -0.74 6.72
N ARG A 172 9.44 -1.33 7.19
CA ARG A 172 9.41 -2.06 8.46
C ARG A 172 10.43 -3.18 8.50
N ARG A 173 10.51 -3.97 7.42
CA ARG A 173 11.41 -5.12 7.42
C ARG A 173 12.86 -4.68 7.44
N GLN A 174 13.19 -3.60 6.71
CA GLN A 174 14.57 -3.12 6.69
C GLN A 174 14.98 -2.55 8.05
N LEU A 175 14.07 -1.82 8.70
CA LEU A 175 14.30 -1.40 10.07
C LEU A 175 14.60 -2.58 10.98
N GLU A 176 13.77 -3.62 10.94
CA GLU A 176 13.98 -4.75 11.85
C GLU A 176 15.26 -5.52 11.50
N MET A 177 15.58 -5.63 10.22
CA MET A 177 16.84 -6.23 9.79
C MET A 177 18.03 -5.51 10.43
N ILE A 178 17.95 -4.18 10.57
CA ILE A 178 19.00 -3.49 11.29
C ILE A 178 18.88 -3.74 12.79
N LEU A 179 17.66 -3.78 13.31
CA LEU A 179 17.47 -3.94 14.75
C LEU A 179 17.81 -5.34 15.24
N ASN A 180 17.51 -6.36 14.43
CA ASN A 180 17.91 -7.72 14.79
C ASN A 180 19.42 -7.98 14.67
N LYS A 181 20.24 -6.99 14.35
CA LYS A 181 21.60 -7.27 13.91
C LYS A 181 22.46 -7.77 15.07
N PRO A 182 23.22 -8.85 14.87
CA PRO A 182 24.08 -9.35 15.95
C PRO A 182 25.19 -8.37 16.27
N GLY A 183 25.40 -8.16 17.56
CA GLY A 183 26.44 -7.24 17.98
C GLY A 183 26.14 -5.79 17.73
N LEU A 184 24.91 -5.47 17.34
CA LEU A 184 24.45 -4.11 17.17
C LEU A 184 24.95 -3.21 18.30
N LYS A 185 25.69 -2.19 17.93
CA LYS A 185 26.14 -1.20 18.90
C LYS A 185 25.13 -0.08 19.06
N TYR A 186 24.51 0.36 17.96
CA TYR A 186 23.60 1.50 17.98
C TYR A 186 22.42 1.26 17.06
N LYS A 187 21.21 1.44 17.57
CA LYS A 187 20.10 1.41 16.65
C LYS A 187 19.96 2.77 15.99
N PRO A 188 19.20 2.85 14.89
CA PRO A 188 19.00 4.15 14.23
C PRO A 188 18.21 5.07 15.16
N VAL A 189 18.71 6.30 15.33
CA VAL A 189 17.96 7.27 16.12
C VAL A 189 16.68 7.64 15.39
N CYS A 190 16.64 7.44 14.08
CA CYS A 190 15.58 8.03 13.28
C CYS A 190 15.45 7.27 11.98
N ASN A 191 14.26 7.41 11.40
CA ASN A 191 13.96 6.96 10.04
C ASN A 191 13.32 8.16 9.35
N GLN A 192 13.93 8.65 8.27
CA GLN A 192 13.45 9.82 7.56
C GLN A 192 12.75 9.35 6.29
N VAL A 193 11.43 9.55 6.23
CA VAL A 193 10.61 9.06 5.14
C VAL A 193 9.59 10.12 4.74
N GLU A 194 9.06 9.96 3.53
CA GLU A 194 7.97 10.81 3.05
C GLU A 194 6.73 10.69 3.93
N CYS A 195 6.17 11.82 4.32
CA CYS A 195 5.09 11.85 5.29
C CYS A 195 4.40 13.20 5.16
N HIS A 196 3.06 13.15 5.09
CA HIS A 196 2.19 14.31 4.91
C HIS A 196 0.74 13.82 4.95
N PRO A 197 -0.24 14.73 4.94
CA PRO A 197 -1.61 14.24 5.12
C PRO A 197 -2.05 13.17 4.10
N TYR A 198 -1.63 13.26 2.86
CA TYR A 198 -1.97 12.22 1.90
C TYR A 198 -1.27 10.86 2.16
N PHE A 199 -0.12 10.90 2.83
CA PHE A 199 0.67 9.71 3.19
C PHE A 199 1.14 9.79 4.64
N ASN A 200 0.28 9.53 5.60
CA ASN A 200 0.62 9.65 7.03
C ASN A 200 1.54 8.64 7.75
N ARG A 201 1.78 7.47 7.17
CA ARG A 201 2.64 6.45 7.78
C ARG A 201 2.21 6.11 9.21
N SER A 202 0.90 5.97 9.41
CA SER A 202 0.36 5.80 10.76
C SER A 202 0.97 4.61 11.47
N LYS A 203 1.00 3.44 10.82
CA LYS A 203 1.52 2.28 11.51
C LYS A 203 3.05 2.16 11.41
N LEU A 204 3.67 2.67 10.34
CA LEU A 204 5.13 2.79 10.37
C LEU A 204 5.56 3.68 11.52
N LEU A 205 4.85 4.80 11.72
CA LEU A 205 5.09 5.67 12.86
C LEU A 205 4.86 4.95 14.17
N ASP A 206 3.80 4.14 14.25
CA ASP A 206 3.52 3.43 15.48
C ASP A 206 4.63 2.45 15.81
N PHE A 207 5.07 1.69 14.82
CA PHE A 207 6.26 0.85 14.93
C PHE A 207 7.42 1.64 15.53
N CYS A 208 7.75 2.76 14.88
CA CYS A 208 8.92 3.52 15.30
C CYS A 208 8.78 3.96 16.75
N LYS A 209 7.64 4.53 17.11
CA LYS A 209 7.40 4.88 18.50
C LYS A 209 7.65 3.68 19.41
N SER A 210 7.26 2.48 18.96
CA SER A 210 7.53 1.31 19.79
C SER A 210 9.02 1.03 19.91
N LYS A 211 9.82 1.38 18.89
CA LYS A 211 11.23 1.05 18.90
C LYS A 211 12.13 2.19 19.38
N ASP A 212 11.56 3.33 19.77
CA ASP A 212 12.33 4.50 20.19
C ASP A 212 13.11 5.12 19.02
N ILE A 213 12.54 5.01 17.82
CA ILE A 213 13.12 5.56 16.58
C ILE A 213 12.23 6.70 16.11
N VAL A 214 12.79 7.90 16.03
CA VAL A 214 12.02 9.04 15.54
C VAL A 214 11.65 8.83 14.07
N LEU A 215 10.40 9.15 13.73
CA LEU A 215 10.04 9.29 12.33
C LEU A 215 10.26 10.75 11.92
N VAL A 216 10.95 10.96 10.80
CA VAL A 216 11.24 12.29 10.27
C VAL A 216 10.52 12.42 8.94
N ALA A 217 9.65 13.42 8.83
CA ALA A 217 8.87 13.63 7.62
C ALA A 217 9.61 14.49 6.61
N TYR A 218 9.67 14.04 5.37
CA TYR A 218 10.06 14.92 4.28
C TYR A 218 8.94 14.97 3.25
N SER A 219 9.07 15.90 2.30
CA SER A 219 8.00 16.29 1.39
C SER A 219 6.71 16.53 2.15
N ALA A 220 6.85 16.99 3.41
CA ALA A 220 5.73 17.21 4.30
C ALA A 220 4.87 18.38 3.89
N LEU A 221 5.29 19.15 2.90
CA LEU A 221 4.47 20.20 2.30
C LEU A 221 4.00 19.79 0.92
N GLY A 222 4.36 18.59 0.46
CA GLY A 222 3.89 18.08 -0.77
C GLY A 222 4.89 18.02 -1.90
N SER A 223 6.20 17.99 -1.61
CA SER A 223 7.13 17.70 -2.71
C SER A 223 7.22 19.07 -3.38
N GLN A 224 8.27 19.26 -4.16
CA GLN A 224 8.53 20.50 -4.89
C GLN A 224 7.93 20.44 -6.29
N ARG A 225 7.30 19.28 -6.51
CA ARG A 225 6.60 18.86 -7.71
C ARG A 225 7.40 18.85 -9.00
N ASP A 226 8.64 18.44 -8.83
CA ASP A 226 9.61 18.31 -9.91
C ASP A 226 8.97 17.43 -10.98
N LYS A 227 9.18 17.78 -12.25
CA LYS A 227 8.55 17.03 -13.34
C LYS A 227 9.26 15.71 -13.57
N ARG A 228 10.55 15.68 -13.35
CA ARG A 228 11.33 14.48 -13.58
C ARG A 228 10.89 13.35 -12.68
N TRP A 229 10.52 13.68 -11.45
CA TRP A 229 10.10 12.64 -10.52
C TRP A 229 8.62 12.59 -10.16
N VAL A 230 7.90 13.69 -10.33
CA VAL A 230 6.50 13.72 -9.90
C VAL A 230 5.48 13.99 -11.00
N ASP A 231 4.41 13.21 -11.01
CA ASP A 231 3.36 13.36 -12.00
C ASP A 231 2.57 14.63 -11.74
N PRO A 232 2.38 15.44 -12.78
CA PRO A 232 1.63 16.70 -12.67
C PRO A 232 0.18 16.53 -12.29
N ASN A 233 -0.39 15.38 -12.61
CA ASN A 233 -1.80 15.12 -12.29
C ASN A 233 -2.01 14.78 -10.83
N SER A 234 -0.94 14.66 -10.06
CA SER A 234 -1.10 14.35 -8.65
C SER A 234 -1.74 15.55 -7.93
N PRO A 235 -2.54 15.27 -6.90
CA PRO A 235 -3.04 16.34 -6.03
C PRO A 235 -1.91 17.25 -5.53
N VAL A 236 -2.19 18.55 -5.49
CA VAL A 236 -1.33 19.51 -4.79
C VAL A 236 -1.77 19.57 -3.34
N LEU A 237 -0.88 19.15 -2.42
CA LEU A 237 -1.26 19.01 -1.02
C LEU A 237 -1.70 20.33 -0.41
N LEU A 238 -1.08 21.44 -0.81
CA LEU A 238 -1.37 22.71 -0.15
C LEU A 238 -2.66 23.35 -0.64
N GLU A 239 -3.22 22.87 -1.74
CA GLU A 239 -4.52 23.30 -2.23
C GLU A 239 -5.66 22.46 -1.68
N ASP A 240 -5.38 21.54 -0.77
CA ASP A 240 -6.40 20.62 -0.27
C ASP A 240 -7.52 21.40 0.43
N PRO A 241 -8.77 21.00 0.24
CA PRO A 241 -9.88 21.76 0.85
C PRO A 241 -9.85 21.81 2.36
N VAL A 242 -9.49 20.70 3.01
CA VAL A 242 -9.52 20.67 4.47
C VAL A 242 -8.35 21.45 5.05
N LEU A 243 -7.17 21.38 4.42
CA LEU A 243 -6.05 22.19 4.89
C LEU A 243 -6.33 23.67 4.67
N CYS A 244 -6.93 24.02 3.53
CA CYS A 244 -7.27 25.41 3.29
C CYS A 244 -8.31 25.91 4.28
N ALA A 245 -9.28 25.05 4.60
CA ALA A 245 -10.30 25.40 5.57
C ALA A 245 -9.70 25.62 6.95
N LEU A 246 -8.86 24.67 7.40
CA LEU A 246 -8.24 24.80 8.70
C LEU A 246 -7.31 26.02 8.77
N ALA A 247 -6.61 26.30 7.67
CA ALA A 247 -5.79 27.50 7.55
C ALA A 247 -6.63 28.75 7.80
N LYS A 248 -7.73 28.89 7.07
CA LYS A 248 -8.58 30.07 7.32
C LYS A 248 -9.16 30.07 8.72
N LYS A 249 -9.43 28.91 9.31
CA LYS A 249 -9.99 28.85 10.66
C LYS A 249 -9.00 29.34 11.71
N HIS A 250 -7.74 28.91 11.63
CA HIS A 250 -6.74 29.31 12.62
C HIS A 250 -6.01 30.57 12.23
N LYS A 251 -6.34 31.15 11.07
CA LYS A 251 -5.62 32.30 10.51
C LYS A 251 -4.13 31.99 10.37
N ARG A 252 -3.86 30.88 9.69
CA ARG A 252 -2.53 30.40 9.40
C ARG A 252 -2.56 30.05 7.91
N THR A 253 -1.63 29.22 7.45
CA THR A 253 -1.61 28.81 6.05
C THR A 253 -1.71 27.29 5.96
N PRO A 254 -2.05 26.74 4.78
CA PRO A 254 -2.11 25.27 4.68
C PRO A 254 -0.80 24.59 5.03
N ALA A 255 0.33 25.22 4.67
CA ALA A 255 1.64 24.68 5.01
C ALA A 255 1.82 24.59 6.52
N LEU A 256 1.48 25.68 7.23
CA LEU A 256 1.54 25.66 8.69
C LEU A 256 0.66 24.56 9.28
N ILE A 257 -0.53 24.35 8.70
CA ILE A 257 -1.39 23.25 9.16
C ILE A 257 -0.67 21.92 8.98
N ALA A 258 -0.09 21.68 7.81
CA ALA A 258 0.60 20.41 7.56
C ALA A 258 1.71 20.17 8.59
N LEU A 259 2.57 21.18 8.77
CA LEU A 259 3.70 21.06 9.71
C LEU A 259 3.21 20.82 11.13
N ARG A 260 2.20 21.59 11.58
CA ARG A 260 1.68 21.39 12.93
C ARG A 260 1.07 20.00 13.07
N TYR A 261 0.42 19.51 12.02
CA TYR A 261 -0.12 18.16 12.01
C TYR A 261 0.97 17.16 12.39
N GLN A 262 2.10 17.21 11.69
CA GLN A 262 3.18 16.29 12.02
C GLN A 262 3.68 16.48 13.45
N LEU A 263 3.89 17.73 13.87
CA LEU A 263 4.38 17.95 15.22
C LEU A 263 3.48 17.30 16.27
N GLN A 264 2.17 17.34 16.06
CA GLN A 264 1.31 16.85 17.13
C GLN A 264 1.12 15.33 17.10
N ARG A 265 1.46 14.66 16.00
CA ARG A 265 1.58 13.19 15.99
C ARG A 265 2.97 12.72 16.42
N GLY A 266 3.80 13.59 16.97
CA GLY A 266 5.11 13.16 17.41
C GLY A 266 6.07 12.87 16.30
N VAL A 267 5.92 13.57 15.17
CA VAL A 267 6.80 13.42 14.01
C VAL A 267 7.67 14.66 13.92
N VAL A 268 8.99 14.45 13.77
CA VAL A 268 9.92 15.51 13.38
C VAL A 268 9.72 15.80 11.90
N VAL A 269 9.57 17.08 11.55
CA VAL A 269 9.12 17.47 10.22
C VAL A 269 10.14 18.40 9.57
N LEU A 270 10.39 18.18 8.28
CA LEU A 270 11.25 19.05 7.48
C LEU A 270 10.38 19.97 6.64
N ALA A 271 10.91 21.14 6.32
CA ALA A 271 10.23 22.07 5.43
C ALA A 271 11.26 22.75 4.54
N LYS A 272 11.15 22.51 3.23
CA LYS A 272 11.98 23.21 2.29
C LYS A 272 11.28 24.51 1.92
N SER A 273 12.05 25.60 1.92
CA SER A 273 11.64 26.82 1.27
C SER A 273 12.89 27.61 0.91
N TYR A 274 12.97 28.05 -0.34
CA TYR A 274 14.00 29.00 -0.76
C TYR A 274 13.44 30.43 -0.91
N ASN A 275 12.29 30.70 -0.32
CA ASN A 275 11.68 32.02 -0.31
C ASN A 275 11.74 32.60 1.10
N GLU A 276 12.26 33.84 1.23
CA GLU A 276 12.53 34.40 2.56
C GLU A 276 11.27 34.52 3.41
N GLN A 277 10.15 34.96 2.82
CA GLN A 277 8.92 35.07 3.58
C GLN A 277 8.46 33.71 4.08
N ARG A 278 8.45 32.71 3.21
CA ARG A 278 7.96 31.40 3.63
C ARG A 278 8.90 30.76 4.64
N ILE A 279 10.21 30.99 4.49
CA ILE A 279 11.17 30.50 5.48
C ILE A 279 10.81 31.03 6.86
N ARG A 280 10.53 32.34 6.95
CA ARG A 280 10.21 32.95 8.24
C ARG A 280 8.79 32.61 8.70
N GLN A 281 7.90 32.26 7.77
CA GLN A 281 6.54 31.86 8.15
C GLN A 281 6.53 30.45 8.75
N ASN A 282 7.37 29.57 8.22
CA ASN A 282 7.32 28.16 8.62
C ASN A 282 7.62 27.96 10.10
N VAL A 283 8.44 28.83 10.71
CA VAL A 283 8.73 28.66 12.14
C VAL A 283 7.57 29.05 13.03
N GLN A 284 6.52 29.67 12.48
CA GLN A 284 5.32 29.95 13.27
C GLN A 284 4.58 28.67 13.65
N VAL A 285 5.10 27.50 13.25
CA VAL A 285 4.41 26.26 13.55
C VAL A 285 4.32 26.03 15.05
N PHE A 286 5.17 26.69 15.83
CA PHE A 286 5.16 26.61 17.28
C PHE A 286 4.21 27.61 17.91
N GLU A 287 3.48 28.37 17.11
CA GLU A 287 2.69 29.46 17.66
C GLU A 287 1.23 29.12 17.92
N PHE A 288 0.75 27.94 17.49
CA PHE A 288 -0.66 27.60 17.56
C PHE A 288 -0.81 26.09 17.65
N GLN A 289 -2.02 25.66 18.02
CA GLN A 289 -2.36 24.25 18.13
C GLN A 289 -3.55 23.90 17.23
N LEU A 290 -3.57 22.66 16.77
CA LEU A 290 -4.75 22.10 16.14
C LEU A 290 -5.56 21.37 17.19
N THR A 291 -6.88 21.44 17.06
CA THR A 291 -7.75 20.67 17.96
C THR A 291 -7.63 19.18 17.67
N ALA A 292 -8.00 18.36 18.66
CA ALA A 292 -8.10 16.93 18.42
C ALA A 292 -9.01 16.62 17.24
N GLU A 293 -10.06 17.42 17.07
CA GLU A 293 -10.94 17.25 15.91
C GLU A 293 -10.25 17.66 14.62
N ASP A 294 -9.49 18.77 14.64
CA ASP A 294 -8.68 19.12 13.48
C ASP A 294 -7.74 17.98 13.12
N MET A 295 -7.11 17.39 14.13
CA MET A 295 -6.23 16.24 13.91
C MET A 295 -6.98 15.11 13.23
N LYS A 296 -8.17 14.77 13.76
CA LYS A 296 -8.98 13.70 13.16
C LYS A 296 -9.29 14.01 11.69
N ALA A 297 -9.64 15.26 11.40
CA ALA A 297 -10.00 15.64 10.03
C ALA A 297 -8.81 15.59 9.08
N ILE A 298 -7.60 15.86 9.58
CA ILE A 298 -6.42 15.75 8.73
C ILE A 298 -6.04 14.28 8.56
N ASP A 299 -6.15 13.51 9.64
CA ASP A 299 -6.01 12.06 9.57
C ASP A 299 -6.88 11.49 8.46
N GLY A 300 -8.07 12.05 8.29
CA GLY A 300 -9.00 11.60 7.28
C GLY A 300 -8.56 11.84 5.85
N LEU A 301 -7.45 12.55 5.63
CA LEU A 301 -7.01 12.77 4.26
C LEU A 301 -6.11 11.67 3.75
N ASP A 302 -5.70 10.74 4.62
CA ASP A 302 -4.72 9.73 4.25
C ASP A 302 -5.17 8.94 3.03
N ARG A 303 -4.38 9.00 1.95
CA ARG A 303 -4.68 8.30 0.71
C ARG A 303 -3.53 7.44 0.23
N ASN A 304 -2.54 7.16 1.11
CA ASN A 304 -1.41 6.27 0.76
C ASN A 304 -0.73 6.72 -0.53
N LEU A 305 -0.55 8.04 -0.68
CA LEU A 305 -0.10 8.67 -1.91
C LEU A 305 1.38 8.99 -1.83
N HIS A 306 2.19 8.34 -2.68
CA HIS A 306 3.58 8.75 -2.89
C HIS A 306 3.61 9.88 -3.91
N TYR A 307 4.40 10.92 -3.63
CA TYR A 307 4.71 11.89 -4.67
C TYR A 307 5.91 11.46 -5.50
N PHE A 308 6.90 10.82 -4.89
CA PHE A 308 8.08 10.38 -5.62
C PHE A 308 7.74 9.10 -6.37
N ASN A 309 7.73 9.17 -7.69
CA ASN A 309 7.50 7.99 -8.53
C ASN A 309 8.81 7.21 -8.61
N SER A 310 8.89 6.10 -7.89
CA SER A 310 10.12 5.32 -7.78
C SER A 310 10.06 3.98 -8.49
N ASP A 311 8.89 3.54 -8.95
CA ASP A 311 8.72 2.18 -9.41
C ASP A 311 9.50 1.86 -10.69
N SER A 312 10.17 2.85 -11.28
CA SER A 312 11.23 2.57 -12.24
C SER A 312 12.37 1.77 -11.63
N PHE A 313 12.36 1.57 -10.32
CA PHE A 313 13.39 0.80 -9.63
C PHE A 313 12.78 -0.39 -8.89
N ALA A 314 11.57 -0.79 -9.30
CA ALA A 314 10.83 -1.85 -8.61
C ALA A 314 11.63 -3.13 -8.50
N SER A 315 12.49 -3.41 -9.47
CA SER A 315 13.29 -4.62 -9.47
C SER A 315 14.24 -4.70 -8.28
N HIS A 316 14.56 -3.58 -7.66
CA HIS A 316 15.62 -3.60 -6.66
C HIS A 316 15.23 -4.42 -5.45
N PRO A 317 16.04 -5.40 -5.05
CA PRO A 317 15.67 -6.25 -3.90
C PRO A 317 15.43 -5.48 -2.63
N ASN A 318 16.06 -4.31 -2.49
CA ASN A 318 15.86 -3.49 -1.31
C ASN A 318 14.88 -2.35 -1.55
N TYR A 319 14.22 -2.32 -2.72
CA TYR A 319 13.14 -1.40 -3.00
C TYR A 319 12.15 -1.40 -1.84
N PRO A 320 11.83 -0.24 -1.26
CA PRO A 320 11.09 -0.22 0.00
C PRO A 320 9.59 -0.51 -0.11
N TYR A 321 8.93 -0.16 -1.22
CA TYR A 321 7.48 -0.37 -1.33
C TYR A 321 7.12 -1.77 -1.82
N SER A 322 8.01 -2.74 -1.68
CA SER A 322 7.72 -4.12 -2.10
C SER A 322 6.46 -4.66 -1.40
N GLN B 8 -21.75 -8.79 -21.98
CA GLN B 8 -22.31 -9.84 -21.13
C GLN B 8 -21.25 -10.80 -20.56
N CYS B 9 -20.49 -11.48 -21.43
CA CYS B 9 -19.48 -12.44 -21.01
C CYS B 9 -18.08 -12.04 -21.49
N VAL B 10 -17.06 -12.55 -20.79
CA VAL B 10 -15.67 -12.42 -21.20
C VAL B 10 -15.14 -13.82 -21.51
N LYS B 11 -14.28 -13.91 -22.52
CA LYS B 11 -13.61 -15.15 -22.90
C LYS B 11 -12.48 -15.45 -21.91
N LEU B 12 -12.51 -16.63 -21.31
CA LEU B 12 -11.44 -17.01 -20.39
C LEU B 12 -10.33 -17.70 -21.16
N ASN B 13 -9.13 -17.70 -20.57
CA ASN B 13 -7.98 -18.26 -21.27
C ASN B 13 -8.10 -19.75 -21.56
N ASP B 14 -9.15 -20.42 -21.11
CA ASP B 14 -9.36 -21.82 -21.49
C ASP B 14 -10.52 -22.00 -22.46
N GLY B 15 -11.04 -20.91 -23.04
CA GLY B 15 -12.09 -21.01 -24.02
C GLY B 15 -13.49 -20.97 -23.46
N HIS B 16 -13.64 -20.93 -22.14
CA HIS B 16 -14.94 -20.84 -21.50
C HIS B 16 -15.28 -19.38 -21.28
N PHE B 17 -16.58 -19.10 -21.15
CA PHE B 17 -17.07 -17.73 -21.05
C PHE B 17 -17.60 -17.50 -19.64
N MET B 18 -17.16 -16.40 -19.03
CA MET B 18 -17.60 -16.00 -17.70
C MET B 18 -18.46 -14.74 -17.79
N PRO B 19 -19.65 -14.72 -17.20
CA PRO B 19 -20.46 -13.48 -17.25
C PRO B 19 -19.83 -12.40 -16.38
N VAL B 20 -19.74 -11.19 -16.93
CA VAL B 20 -18.93 -10.17 -16.26
C VAL B 20 -19.59 -9.62 -15.00
N LEU B 21 -20.86 -9.95 -14.75
CA LEU B 21 -21.53 -9.52 -13.52
C LEU B 21 -21.96 -10.76 -12.74
N GLY B 22 -21.44 -10.89 -11.52
CA GLY B 22 -21.71 -12.06 -10.70
C GLY B 22 -22.49 -11.69 -9.45
N PHE B 23 -23.36 -12.60 -9.02
CA PHE B 23 -24.11 -12.44 -7.78
C PHE B 23 -23.31 -13.05 -6.64
N GLY B 24 -23.11 -12.27 -5.57
CA GLY B 24 -22.41 -12.76 -4.40
C GLY B 24 -23.39 -13.31 -3.39
N THR B 25 -23.08 -14.51 -2.86
CA THR B 25 -24.05 -15.20 -2.03
C THR B 25 -23.64 -15.26 -0.57
N TYR B 26 -22.52 -14.65 -0.17
CA TYR B 26 -22.14 -14.75 1.23
C TYR B 26 -23.05 -13.88 2.08
N ALA B 27 -23.51 -14.43 3.19
CA ALA B 27 -24.27 -13.72 4.18
C ALA B 27 -23.81 -14.29 5.53
N PRO B 28 -23.66 -13.45 6.54
CA PRO B 28 -23.21 -13.94 7.85
C PRO B 28 -24.19 -14.97 8.41
N PRO B 29 -23.72 -15.84 9.30
CA PRO B 29 -24.62 -16.88 9.85
C PRO B 29 -25.91 -16.31 10.48
N GLU B 30 -25.96 -15.01 10.78
CA GLU B 30 -27.19 -14.44 11.29
C GLU B 30 -28.34 -14.68 10.31
N VAL B 31 -28.17 -14.29 9.06
CA VAL B 31 -29.12 -14.54 7.98
C VAL B 31 -29.44 -16.03 7.95
N PRO B 32 -30.69 -16.44 8.13
CA PRO B 32 -31.01 -17.87 8.07
C PRO B 32 -30.83 -18.39 6.65
N ARG B 33 -30.47 -19.67 6.54
CA ARG B 33 -30.00 -20.22 5.27
C ARG B 33 -31.06 -20.16 4.18
N SER B 34 -32.34 -20.19 4.55
CA SER B 34 -33.41 -20.13 3.56
C SER B 34 -33.33 -18.88 2.70
N LYS B 35 -32.80 -17.77 3.24
CA LYS B 35 -32.70 -16.55 2.45
C LYS B 35 -31.81 -16.78 1.22
N ALA B 36 -30.76 -17.60 1.36
CA ALA B 36 -29.88 -17.83 0.23
C ALA B 36 -30.61 -18.52 -0.90
N LEU B 37 -31.58 -19.38 -0.54
CA LEU B 37 -32.46 -19.96 -1.53
C LEU B 37 -33.26 -18.86 -2.24
N GLU B 38 -33.90 -17.98 -1.46
CA GLU B 38 -34.79 -16.99 -2.06
C GLU B 38 -34.05 -16.01 -2.94
N VAL B 39 -32.99 -15.39 -2.40
CA VAL B 39 -32.30 -14.32 -3.11
C VAL B 39 -31.61 -14.84 -4.37
N THR B 40 -31.06 -16.05 -4.32
CA THR B 40 -30.44 -16.57 -5.55
C THR B 40 -31.49 -16.68 -6.65
N LYS B 41 -32.71 -17.20 -6.32
CA LYS B 41 -33.73 -17.24 -7.37
C LYS B 41 -34.04 -15.82 -7.83
N LEU B 42 -34.09 -14.87 -6.89
CA LEU B 42 -34.33 -13.48 -7.27
C LEU B 42 -33.24 -12.98 -8.19
N ALA B 43 -31.96 -13.26 -7.85
CA ALA B 43 -30.89 -12.76 -8.69
C ALA B 43 -31.02 -13.31 -10.10
N ILE B 44 -31.37 -14.60 -10.20
CA ILE B 44 -31.48 -15.18 -11.53
C ILE B 44 -32.64 -14.54 -12.28
N GLU B 45 -33.77 -14.35 -11.59
CA GLU B 45 -34.91 -13.74 -12.24
C GLU B 45 -34.54 -12.35 -12.74
N ALA B 46 -33.73 -11.62 -11.95
CA ALA B 46 -33.33 -10.26 -12.34
C ALA B 46 -32.35 -10.24 -13.50
N GLY B 47 -31.68 -11.34 -13.79
CA GLY B 47 -30.74 -11.35 -14.89
C GLY B 47 -29.35 -11.86 -14.56
N PHE B 48 -28.99 -11.95 -13.28
CA PHE B 48 -27.69 -12.52 -12.94
C PHE B 48 -27.59 -13.92 -13.53
N ARG B 49 -26.40 -14.25 -14.03
CA ARG B 49 -26.12 -15.59 -14.54
C ARG B 49 -24.86 -16.21 -13.97
N HIS B 50 -24.02 -15.42 -13.29
CA HIS B 50 -22.80 -15.81 -12.60
C HIS B 50 -23.14 -15.80 -11.10
N ILE B 51 -22.96 -16.93 -10.41
CA ILE B 51 -23.35 -17.08 -9.01
C ILE B 51 -22.12 -17.55 -8.24
N ASP B 52 -21.72 -16.80 -7.20
CA ASP B 52 -20.48 -17.05 -6.48
C ASP B 52 -20.74 -17.65 -5.09
N SER B 53 -20.28 -18.88 -4.88
CA SER B 53 -20.44 -19.54 -3.59
C SER B 53 -19.12 -20.17 -3.18
N ALA B 54 -19.12 -20.92 -2.06
CA ALA B 54 -17.91 -21.50 -1.54
C ALA B 54 -18.31 -22.49 -0.45
N HIS B 55 -17.50 -23.52 -0.29
CA HIS B 55 -17.68 -24.40 0.86
C HIS B 55 -17.81 -23.60 2.16
N LEU B 56 -17.00 -22.54 2.28
CA LEU B 56 -17.00 -21.72 3.49
C LEU B 56 -18.38 -21.12 3.79
N TYR B 57 -19.10 -20.74 2.76
CA TYR B 57 -20.34 -20.01 2.96
C TYR B 57 -21.47 -20.75 3.64
N ASN B 58 -21.38 -22.07 3.68
CA ASN B 58 -22.41 -22.93 4.26
C ASN B 58 -23.78 -22.66 3.64
N ASN B 59 -23.82 -22.50 2.31
CA ASN B 59 -25.06 -22.24 1.61
C ASN B 59 -25.13 -22.93 0.26
N GLU B 60 -24.23 -23.87 0.00
CA GLU B 60 -24.21 -24.54 -1.29
C GLU B 60 -25.50 -25.31 -1.57
N GLU B 61 -26.06 -25.93 -0.54
CA GLU B 61 -27.31 -26.64 -0.72
C GLU B 61 -28.43 -25.69 -1.15
N GLN B 62 -28.52 -24.52 -0.52
CA GLN B 62 -29.60 -23.58 -0.84
C GLN B 62 -29.38 -22.91 -2.18
N VAL B 63 -28.12 -22.54 -2.47
CA VAL B 63 -27.78 -21.92 -3.76
C VAL B 63 -27.97 -22.92 -4.89
N GLY B 64 -27.47 -24.14 -4.70
CA GLY B 64 -27.70 -25.18 -5.68
C GLY B 64 -29.18 -25.41 -5.91
N LEU B 65 -29.97 -25.45 -4.82
CA LEU B 65 -31.40 -25.64 -4.95
C LEU B 65 -32.06 -24.50 -5.72
N ALA B 66 -31.62 -23.27 -5.48
CA ALA B 66 -32.14 -22.16 -6.28
C ALA B 66 -31.82 -22.36 -7.77
N ILE B 67 -30.59 -22.76 -8.06
CA ILE B 67 -30.16 -22.93 -9.44
C ILE B 67 -31.01 -24.02 -10.11
N ARG B 68 -31.09 -25.19 -9.47
CA ARG B 68 -31.91 -26.27 -9.96
C ARG B 68 -33.37 -25.90 -10.08
N SER B 69 -33.87 -25.05 -9.21
CA SER B 69 -35.27 -24.67 -9.32
C SER B 69 -35.50 -23.83 -10.57
N LYS B 70 -34.58 -22.89 -10.85
CA LYS B 70 -34.76 -21.99 -11.99
C LYS B 70 -34.51 -22.70 -13.32
N ILE B 71 -33.70 -23.75 -13.29
CA ILE B 71 -33.56 -24.63 -14.45
C ILE B 71 -34.84 -25.44 -14.66
N ALA B 72 -35.36 -26.07 -13.58
CA ALA B 72 -36.47 -27.00 -13.72
C ALA B 72 -37.80 -26.31 -13.98
N ASP B 73 -37.90 -25.01 -13.68
CA ASP B 73 -39.10 -24.25 -13.99
C ASP B 73 -39.05 -23.57 -15.36
N GLY B 74 -38.01 -23.83 -16.16
CA GLY B 74 -37.96 -23.32 -17.50
C GLY B 74 -37.35 -21.95 -17.67
N SER B 75 -36.98 -21.28 -16.57
CA SER B 75 -36.38 -19.95 -16.67
C SER B 75 -35.06 -19.97 -17.44
N VAL B 76 -34.20 -20.94 -17.15
CA VAL B 76 -32.84 -20.97 -17.67
C VAL B 76 -32.46 -22.43 -17.89
N LYS B 77 -31.39 -22.66 -18.62
CA LYS B 77 -30.80 -23.98 -18.69
C LYS B 77 -29.52 -23.97 -17.88
N ARG B 78 -29.01 -25.17 -17.59
CA ARG B 78 -27.79 -25.26 -16.81
C ARG B 78 -26.69 -24.45 -17.45
N GLU B 79 -26.60 -24.51 -18.79
CA GLU B 79 -25.55 -23.83 -19.52
C GLU B 79 -25.66 -22.32 -19.43
N ASP B 80 -26.84 -21.79 -19.10
CA ASP B 80 -26.97 -20.35 -18.89
C ASP B 80 -26.32 -19.88 -17.60
N ILE B 81 -26.12 -20.78 -16.62
CA ILE B 81 -25.65 -20.39 -15.30
C ILE B 81 -24.16 -20.66 -15.17
N PHE B 82 -23.41 -19.67 -14.71
CA PHE B 82 -22.01 -19.86 -14.41
C PHE B 82 -21.91 -19.93 -12.90
N TYR B 83 -21.51 -21.08 -12.36
CA TYR B 83 -21.56 -21.31 -10.92
C TYR B 83 -20.15 -21.51 -10.38
N THR B 84 -19.84 -20.85 -9.28
CA THR B 84 -18.50 -20.87 -8.74
C THR B 84 -18.54 -21.41 -7.33
N SER B 85 -17.68 -22.40 -7.07
CA SER B 85 -17.39 -22.80 -5.69
C SER B 85 -15.91 -22.62 -5.42
N LYS B 86 -15.52 -22.86 -4.17
CA LYS B 86 -14.13 -22.66 -3.80
C LYS B 86 -13.73 -23.73 -2.82
N LEU B 87 -12.48 -24.18 -2.98
CA LEU B 87 -11.80 -25.14 -2.13
C LEU B 87 -11.31 -24.44 -0.85
N TRP B 88 -11.81 -24.86 0.30
CA TRP B 88 -11.46 -24.15 1.52
C TRP B 88 -10.06 -24.54 2.00
N SER B 89 -9.44 -23.64 2.77
CA SER B 89 -8.02 -23.75 3.08
C SER B 89 -7.66 -24.99 3.88
N THR B 90 -8.62 -25.73 4.41
CA THR B 90 -8.28 -26.98 5.08
C THR B 90 -8.12 -28.15 4.12
N PHE B 91 -8.37 -27.94 2.82
CA PHE B 91 -8.29 -29.02 1.84
C PHE B 91 -7.19 -28.77 0.81
N HIS B 92 -6.15 -28.03 1.20
CA HIS B 92 -5.08 -27.77 0.24
C HIS B 92 -4.24 -29.00 -0.04
N ARG B 93 -4.20 -29.95 0.88
CA ARG B 93 -3.43 -31.16 0.60
C ARG B 93 -4.07 -31.88 -0.60
N PRO B 94 -3.27 -32.23 -1.62
CA PRO B 94 -3.84 -32.69 -2.90
C PRO B 94 -4.86 -33.80 -2.80
N GLU B 95 -4.60 -34.79 -1.94
CA GLU B 95 -5.52 -35.91 -1.78
C GLU B 95 -6.93 -35.47 -1.38
N LEU B 96 -7.05 -34.31 -0.74
CA LEU B 96 -8.34 -33.79 -0.27
C LEU B 96 -9.06 -32.92 -1.30
N VAL B 97 -8.46 -32.65 -2.46
CA VAL B 97 -9.01 -31.63 -3.34
C VAL B 97 -10.23 -32.13 -4.08
N ARG B 98 -10.09 -33.23 -4.83
CA ARG B 98 -11.24 -33.75 -5.56
C ARG B 98 -12.36 -34.16 -4.62
N PRO B 99 -12.11 -34.77 -3.46
CA PRO B 99 -13.23 -35.03 -2.54
C PRO B 99 -13.97 -33.78 -2.10
N ALA B 100 -13.24 -32.70 -1.77
CA ALA B 100 -13.89 -31.44 -1.42
C ALA B 100 -14.82 -30.98 -2.54
N LEU B 101 -14.31 -30.97 -3.78
CA LEU B 101 -15.16 -30.61 -4.92
C LEU B 101 -16.37 -31.52 -4.97
N GLU B 102 -16.13 -32.84 -4.85
CA GLU B 102 -17.23 -33.80 -4.91
C GLU B 102 -18.25 -33.47 -3.84
N ASN B 103 -17.77 -33.15 -2.64
CA ASN B 103 -18.71 -32.85 -1.58
C ASN B 103 -19.54 -31.64 -1.95
N SER B 104 -18.88 -30.56 -2.39
CA SER B 104 -19.65 -29.38 -2.77
C SER B 104 -20.68 -29.72 -3.85
N LEU B 105 -20.27 -30.52 -4.83
CA LEU B 105 -21.20 -30.88 -5.90
C LEU B 105 -22.40 -31.62 -5.34
N LYS B 106 -22.13 -32.60 -4.45
CA LYS B 106 -23.23 -33.34 -3.85
C LYS B 106 -24.12 -32.42 -3.03
N LYS B 107 -23.53 -31.42 -2.36
CA LYS B 107 -24.39 -30.54 -1.60
C LYS B 107 -25.21 -29.66 -2.53
N ALA B 108 -24.60 -29.18 -3.62
CA ALA B 108 -25.32 -28.25 -4.49
C ALA B 108 -26.22 -28.98 -5.46
N GLN B 109 -26.11 -30.31 -5.53
CA GLN B 109 -26.92 -31.13 -6.42
C GLN B 109 -26.64 -30.79 -7.89
N LEU B 110 -25.38 -30.45 -8.20
CA LEU B 110 -24.89 -30.22 -9.54
C LEU B 110 -23.90 -31.31 -9.96
N ASP B 111 -23.78 -31.51 -11.29
CA ASP B 111 -22.81 -32.45 -11.87
C ASP B 111 -21.43 -31.84 -12.05
N TYR B 112 -21.35 -30.52 -12.21
CA TYR B 112 -20.07 -29.85 -12.33
C TYR B 112 -20.25 -28.42 -11.86
N VAL B 113 -19.15 -27.79 -11.46
CA VAL B 113 -19.12 -26.34 -11.32
C VAL B 113 -18.49 -25.74 -12.56
N ASP B 114 -18.96 -24.55 -12.93
CA ASP B 114 -18.29 -23.78 -13.96
C ASP B 114 -16.94 -23.27 -13.51
N LEU B 115 -16.76 -23.02 -12.20
CA LEU B 115 -15.49 -22.50 -11.71
C LEU B 115 -15.21 -23.00 -10.30
N TYR B 116 -14.00 -23.55 -10.13
CA TYR B 116 -13.48 -23.93 -8.82
C TYR B 116 -12.26 -23.07 -8.50
N LEU B 117 -12.20 -22.55 -7.30
CA LEU B 117 -11.16 -21.61 -6.92
C LEU B 117 -10.42 -22.14 -5.71
N ILE B 118 -9.10 -21.97 -5.70
CA ILE B 118 -8.40 -22.04 -4.41
C ILE B 118 -8.86 -20.81 -3.63
N HIS B 119 -9.61 -21.03 -2.55
CA HIS B 119 -10.26 -19.90 -1.85
C HIS B 119 -9.21 -18.90 -1.33
N SER B 120 -8.07 -19.39 -0.83
CA SER B 120 -7.05 -18.56 -0.23
C SER B 120 -5.72 -19.29 -0.31
N PRO B 121 -4.60 -18.57 -0.45
CA PRO B 121 -3.31 -19.25 -0.46
C PRO B 121 -2.90 -19.78 0.91
N MET B 122 -3.54 -19.32 1.97
CA MET B 122 -3.09 -19.61 3.34
C MET B 122 -3.65 -20.94 3.79
N SER B 123 -2.79 -21.95 3.86
CA SER B 123 -3.25 -23.29 4.21
C SER B 123 -3.58 -23.40 5.70
N LEU B 124 -4.59 -24.21 5.99
CA LEU B 124 -5.01 -24.49 7.35
C LEU B 124 -4.88 -25.98 7.62
N LYS B 125 -4.89 -26.34 8.90
CA LYS B 125 -4.71 -27.74 9.27
C LYS B 125 -5.92 -28.55 8.83
N PRO B 126 -5.71 -29.73 8.24
CA PRO B 126 -6.94 -30.38 7.80
C PRO B 126 -7.77 -30.88 8.96
N GLY B 127 -8.98 -30.35 9.08
CA GLY B 127 -9.91 -30.72 10.12
C GLY B 127 -11.29 -30.23 9.77
N GLU B 128 -12.32 -30.79 10.38
CA GLU B 128 -13.68 -30.35 10.08
C GLU B 128 -13.97 -28.90 10.42
N GLU B 129 -13.35 -28.37 11.45
CA GLU B 129 -13.57 -26.97 11.79
C GLU B 129 -13.07 -26.11 10.65
N LEU B 130 -13.83 -25.07 10.31
CA LEU B 130 -13.42 -24.14 9.26
C LEU B 130 -12.15 -23.44 9.70
N SER B 131 -12.11 -23.03 10.96
CA SER B 131 -10.95 -22.37 11.50
C SER B 131 -10.44 -23.20 12.67
N PRO B 132 -9.42 -24.03 12.45
CA PRO B 132 -8.91 -24.75 13.61
C PRO B 132 -8.18 -23.75 14.48
N THR B 133 -8.45 -23.77 15.78
CA THR B 133 -7.80 -22.88 16.73
C THR B 133 -7.33 -23.76 17.86
N ASP B 134 -6.21 -23.39 18.47
CA ASP B 134 -5.67 -24.15 19.58
C ASP B 134 -6.21 -23.66 20.91
N GLU B 135 -5.61 -24.12 22.00
CA GLU B 135 -6.02 -23.74 23.33
C GLU B 135 -5.89 -22.24 23.54
N ASN B 136 -4.84 -21.68 22.96
CA ASN B 136 -4.57 -20.26 23.08
C ASN B 136 -5.38 -19.43 22.06
N GLY B 137 -6.17 -20.09 21.21
CA GLY B 137 -6.96 -19.40 20.22
C GLY B 137 -6.23 -19.09 18.95
N LYS B 138 -4.96 -19.46 18.81
CA LYS B 138 -4.28 -19.23 17.53
C LYS B 138 -4.76 -20.24 16.50
N VAL B 139 -4.98 -19.77 15.28
CA VAL B 139 -5.35 -20.68 14.20
C VAL B 139 -4.15 -21.57 13.85
N ILE B 140 -4.44 -22.84 13.54
CA ILE B 140 -3.42 -23.83 13.28
C ILE B 140 -3.14 -23.88 11.78
N PHE B 141 -2.00 -23.35 11.38
CA PHE B 141 -1.61 -23.31 9.99
C PHE B 141 -1.22 -24.70 9.50
N ASP B 142 -1.05 -24.79 8.18
CA ASP B 142 -0.49 -25.94 7.52
C ASP B 142 0.52 -25.43 6.51
N ILE B 143 1.47 -26.29 6.14
CA ILE B 143 2.46 -25.96 5.11
C ILE B 143 2.22 -26.91 3.94
N VAL B 144 1.73 -26.36 2.84
CA VAL B 144 1.35 -27.11 1.66
C VAL B 144 1.93 -26.39 0.46
N ASP B 145 2.62 -27.13 -0.40
CA ASP B 145 3.07 -26.64 -1.71
C ASP B 145 1.84 -26.40 -2.59
N LEU B 146 1.47 -25.12 -2.75
CA LEU B 146 0.26 -24.81 -3.51
C LEU B 146 0.33 -25.29 -4.95
N CYS B 147 1.53 -25.60 -5.48
CA CYS B 147 1.59 -26.12 -6.84
C CYS B 147 0.99 -27.52 -6.92
N THR B 148 1.21 -28.34 -5.89
CA THR B 148 0.55 -29.64 -5.84
C THR B 148 -0.96 -29.47 -5.69
N THR B 149 -1.39 -28.48 -4.88
CA THR B 149 -2.82 -28.19 -4.85
C THR B 149 -3.34 -27.86 -6.24
N TRP B 150 -2.57 -27.07 -6.98
CA TRP B 150 -2.98 -26.66 -8.32
C TRP B 150 -3.10 -27.86 -9.24
N GLU B 151 -2.13 -28.78 -9.16
CA GLU B 151 -2.19 -29.96 -10.01
C GLU B 151 -3.46 -30.76 -9.74
N ALA B 152 -3.87 -30.86 -8.46
CA ALA B 152 -5.12 -31.57 -8.20
C ALA B 152 -6.34 -30.77 -8.67
N MET B 153 -6.25 -29.45 -8.68
CA MET B 153 -7.30 -28.65 -9.33
C MET B 153 -7.36 -28.98 -10.83
N GLU B 154 -6.19 -29.07 -11.46
CA GLU B 154 -6.15 -29.38 -12.88
C GLU B 154 -6.78 -30.73 -13.16
N LYS B 155 -6.50 -31.72 -12.30
CA LYS B 155 -7.12 -33.02 -12.44
C LYS B 155 -8.63 -32.95 -12.29
N CYS B 156 -9.12 -32.05 -11.43
CA CYS B 156 -10.57 -31.82 -11.36
C CYS B 156 -11.12 -31.29 -12.67
N LYS B 157 -10.37 -30.40 -13.33
CA LYS B 157 -10.79 -29.92 -14.65
C LYS B 157 -10.85 -31.06 -15.66
N ASP B 158 -9.82 -31.92 -15.65
CA ASP B 158 -9.77 -33.07 -16.57
C ASP B 158 -10.98 -33.98 -16.39
N ALA B 159 -11.42 -34.19 -15.16
CA ALA B 159 -12.58 -35.05 -14.94
C ALA B 159 -13.91 -34.38 -15.31
N GLY B 160 -13.89 -33.12 -15.72
CA GLY B 160 -15.13 -32.42 -16.00
C GLY B 160 -15.95 -32.03 -14.78
N LEU B 161 -15.42 -32.22 -13.55
CA LEU B 161 -16.10 -31.72 -12.34
C LEU B 161 -16.08 -30.19 -12.27
N ALA B 162 -15.13 -29.56 -12.92
CA ALA B 162 -14.97 -28.12 -12.97
C ALA B 162 -14.72 -27.71 -14.42
N LYS B 163 -15.54 -26.79 -14.94
CA LYS B 163 -15.28 -26.30 -16.29
C LYS B 163 -13.97 -25.51 -16.34
N SER B 164 -13.74 -24.65 -15.36
CA SER B 164 -12.53 -23.84 -15.31
C SER B 164 -12.05 -23.82 -13.88
N ILE B 165 -10.77 -23.48 -13.71
CA ILE B 165 -10.18 -23.43 -12.39
C ILE B 165 -9.41 -22.14 -12.19
N GLY B 166 -9.38 -21.66 -10.95
CA GLY B 166 -8.70 -20.41 -10.72
C GLY B 166 -8.37 -20.29 -9.26
N VAL B 167 -7.91 -19.10 -8.88
CA VAL B 167 -7.41 -18.83 -7.55
C VAL B 167 -8.11 -17.60 -6.99
N SER B 168 -7.94 -17.42 -5.69
CA SER B 168 -8.56 -16.32 -4.99
C SER B 168 -7.61 -15.85 -3.90
N ASN B 169 -7.56 -14.52 -3.72
CA ASN B 169 -6.70 -13.86 -2.74
C ASN B 169 -5.20 -14.11 -2.99
N PHE B 170 -4.81 -14.45 -4.22
CA PHE B 170 -3.39 -14.62 -4.52
C PHE B 170 -2.78 -13.26 -4.81
N ASN B 171 -1.54 -13.06 -4.40
CA ASN B 171 -0.81 -11.87 -4.84
C ASN B 171 -0.01 -12.21 -6.12
N ARG B 172 0.85 -11.28 -6.55
CA ARG B 172 1.59 -11.47 -7.79
C ARG B 172 2.63 -12.57 -7.65
N ARG B 173 3.32 -12.64 -6.51
CA ARG B 173 4.31 -13.70 -6.35
C ARG B 173 3.67 -15.07 -6.42
N GLN B 174 2.51 -15.24 -5.76
CA GLN B 174 1.86 -16.56 -5.69
C GLN B 174 1.28 -16.95 -7.04
N LEU B 175 0.72 -15.96 -7.76
CA LEU B 175 0.31 -16.18 -9.14
C LEU B 175 1.48 -16.68 -10.00
N GLU B 176 2.62 -15.97 -9.96
CA GLU B 176 3.76 -16.41 -10.78
C GLU B 176 4.24 -17.80 -10.38
N MET B 177 4.28 -18.06 -9.07
CA MET B 177 4.59 -19.41 -8.60
C MET B 177 3.75 -20.45 -9.33
N ILE B 178 2.48 -20.13 -9.60
CA ILE B 178 1.68 -21.09 -10.35
C ILE B 178 2.00 -21.04 -11.85
N LEU B 179 2.19 -19.84 -12.39
CA LEU B 179 2.38 -19.71 -13.83
C LEU B 179 3.71 -20.33 -14.27
N ASN B 180 4.76 -20.15 -13.46
CA ASN B 180 6.10 -20.62 -13.80
C ASN B 180 6.34 -22.04 -13.33
N LYS B 181 5.31 -22.82 -13.20
CA LYS B 181 5.47 -24.12 -12.55
C LYS B 181 5.70 -25.21 -13.59
N PRO B 182 6.72 -26.06 -13.38
CA PRO B 182 6.93 -27.20 -14.28
C PRO B 182 5.68 -28.06 -14.43
N GLY B 183 5.30 -28.30 -15.67
CA GLY B 183 4.20 -29.19 -15.96
C GLY B 183 2.84 -28.51 -16.08
N LEU B 184 2.74 -27.21 -15.84
CA LEU B 184 1.48 -26.49 -15.87
C LEU B 184 0.63 -26.93 -17.06
N LYS B 185 -0.58 -27.40 -16.79
CA LYS B 185 -1.52 -27.82 -17.83
C LYS B 185 -2.58 -26.76 -18.10
N TYR B 186 -3.05 -26.06 -17.06
CA TYR B 186 -4.02 -25.00 -17.22
C TYR B 186 -3.62 -23.84 -16.32
N LYS B 187 -3.54 -22.65 -16.89
CA LYS B 187 -3.36 -21.48 -16.08
C LYS B 187 -4.63 -21.21 -15.29
N PRO B 188 -4.53 -20.49 -14.18
CA PRO B 188 -5.74 -19.97 -13.54
C PRO B 188 -6.47 -19.04 -14.52
N VAL B 189 -7.74 -19.33 -14.76
CA VAL B 189 -8.55 -18.41 -15.56
C VAL B 189 -8.77 -17.09 -14.84
N CYS B 190 -8.65 -17.07 -13.53
CA CYS B 190 -8.99 -15.85 -12.82
C CYS B 190 -8.25 -15.83 -11.50
N ASN B 191 -8.27 -14.65 -10.87
CA ASN B 191 -7.81 -14.43 -9.50
C ASN B 191 -8.86 -13.52 -8.87
N GLN B 192 -9.60 -14.04 -7.90
CA GLN B 192 -10.67 -13.31 -7.25
C GLN B 192 -10.11 -12.69 -5.97
N VAL B 193 -10.17 -11.36 -5.91
CA VAL B 193 -9.53 -10.59 -4.85
C VAL B 193 -10.42 -9.42 -4.48
N GLU B 194 -10.15 -8.86 -3.29
CA GLU B 194 -10.81 -7.64 -2.88
C GLU B 194 -10.44 -6.51 -3.83
N CYS B 195 -11.44 -5.72 -4.20
CA CYS B 195 -11.26 -4.65 -5.15
C CYS B 195 -12.48 -3.73 -5.12
N HIS B 196 -12.24 -2.45 -4.98
CA HIS B 196 -13.30 -1.44 -4.83
C HIS B 196 -12.61 -0.08 -4.84
N PRO B 197 -13.31 0.97 -5.23
CA PRO B 197 -12.55 2.20 -5.54
C PRO B 197 -11.51 2.60 -4.53
N TYR B 198 -11.75 2.43 -3.26
CA TYR B 198 -10.75 2.76 -2.26
C TYR B 198 -9.47 1.89 -2.39
N PHE B 199 -9.62 0.63 -2.78
CA PHE B 199 -8.51 -0.30 -2.95
C PHE B 199 -8.62 -0.96 -4.31
N ASN B 200 -8.17 -0.29 -5.37
CA ASN B 200 -8.36 -0.79 -6.74
C ASN B 200 -7.45 -1.82 -7.41
N ARG B 201 -6.36 -2.23 -6.77
CA ARG B 201 -5.47 -3.29 -7.30
C ARG B 201 -5.04 -3.05 -8.73
N SER B 202 -4.66 -1.83 -9.05
CA SER B 202 -4.33 -1.44 -10.42
C SER B 202 -3.10 -2.18 -10.94
N LYS B 203 -2.05 -2.26 -10.12
CA LYS B 203 -0.86 -3.01 -10.51
C LYS B 203 -1.17 -4.50 -10.60
N LEU B 204 -1.82 -5.04 -9.58
CA LEU B 204 -2.31 -6.42 -9.66
C LEU B 204 -3.13 -6.64 -10.93
N LEU B 205 -4.05 -5.69 -11.21
CA LEU B 205 -4.93 -5.82 -12.37
C LEU B 205 -4.15 -5.87 -13.66
N ASP B 206 -3.23 -4.92 -13.86
CA ASP B 206 -2.49 -4.93 -15.11
C ASP B 206 -1.58 -6.16 -15.21
N PHE B 207 -1.06 -6.64 -14.08
CA PHE B 207 -0.31 -7.90 -14.11
C PHE B 207 -1.19 -9.03 -14.65
N CYS B 208 -2.36 -9.21 -14.04
CA CYS B 208 -3.27 -10.25 -14.48
C CYS B 208 -3.65 -10.08 -15.96
N LYS B 209 -3.95 -8.84 -16.37
CA LYS B 209 -4.23 -8.59 -17.78
C LYS B 209 -3.07 -9.04 -18.65
N SER B 210 -1.86 -8.69 -18.24
CA SER B 210 -0.67 -9.05 -18.99
C SER B 210 -0.53 -10.57 -19.15
N LYS B 211 -0.93 -11.34 -18.15
CA LYS B 211 -0.76 -12.78 -18.25
C LYS B 211 -2.03 -13.54 -18.63
N ASP B 212 -3.09 -12.82 -19.05
CA ASP B 212 -4.35 -13.42 -19.51
C ASP B 212 -5.18 -13.99 -18.35
N ILE B 213 -5.11 -13.36 -17.18
CA ILE B 213 -5.86 -13.80 -16.01
C ILE B 213 -6.89 -12.72 -15.70
N VAL B 214 -8.17 -13.13 -15.66
CA VAL B 214 -9.26 -12.23 -15.30
C VAL B 214 -9.15 -11.90 -13.82
N LEU B 215 -9.23 -10.62 -13.49
CA LEU B 215 -9.36 -10.21 -12.10
C LEU B 215 -10.85 -10.16 -11.76
N VAL B 216 -11.20 -10.73 -10.60
CA VAL B 216 -12.59 -10.76 -10.15
C VAL B 216 -12.66 -10.01 -8.84
N ALA B 217 -13.52 -9.00 -8.80
CA ALA B 217 -13.61 -8.12 -7.66
C ALA B 217 -14.68 -8.61 -6.69
N TYR B 218 -14.29 -8.76 -5.43
CA TYR B 218 -15.22 -8.95 -4.33
C TYR B 218 -15.14 -7.76 -3.38
N SER B 219 -16.15 -7.64 -2.53
CA SER B 219 -16.37 -6.43 -1.76
C SER B 219 -16.29 -5.20 -2.67
N ALA B 220 -16.69 -5.37 -3.91
CA ALA B 220 -16.64 -4.32 -4.92
C ALA B 220 -17.54 -3.16 -4.62
N LEU B 221 -18.50 -3.39 -3.75
CA LEU B 221 -19.43 -2.37 -3.32
C LEU B 221 -19.06 -1.83 -1.96
N GLY B 222 -17.90 -2.22 -1.48
CA GLY B 222 -17.40 -1.79 -0.22
C GLY B 222 -17.50 -2.70 0.95
N SER B 223 -17.94 -3.93 0.75
CA SER B 223 -18.09 -5.01 1.77
C SER B 223 -19.32 -4.88 2.65
N GLN B 224 -19.58 -5.87 3.45
CA GLN B 224 -20.75 -5.90 4.27
C GLN B 224 -20.53 -5.28 5.63
N ARG B 225 -19.29 -4.90 5.91
CA ARG B 225 -18.90 -4.25 7.14
C ARG B 225 -19.28 -5.09 8.26
N ASP B 226 -18.84 -6.32 8.24
CA ASP B 226 -19.17 -7.23 9.32
C ASP B 226 -18.47 -6.90 10.65
N LYS B 227 -19.07 -7.27 11.77
CA LYS B 227 -18.50 -6.98 13.08
C LYS B 227 -17.17 -7.67 13.18
N ARG B 228 -17.15 -8.88 12.65
CA ARG B 228 -16.02 -9.76 12.71
C ARG B 228 -14.71 -9.34 12.03
N TRP B 229 -14.78 -8.78 10.82
CA TRP B 229 -13.58 -8.40 10.10
C TRP B 229 -13.40 -6.95 9.67
N VAL B 230 -14.36 -6.07 9.95
CA VAL B 230 -14.23 -4.70 9.48
C VAL B 230 -14.36 -3.63 10.55
N ASP B 231 -13.39 -2.72 10.62
CA ASP B 231 -13.46 -1.67 11.61
C ASP B 231 -14.66 -0.84 11.25
N PRO B 232 -15.53 -0.58 12.24
CA PRO B 232 -16.79 0.12 11.95
C PRO B 232 -16.63 1.57 11.56
N ASN B 233 -15.51 2.21 11.89
CA ASN B 233 -15.32 3.61 11.52
C ASN B 233 -14.42 3.77 10.29
N SER B 234 -14.20 2.69 9.56
CA SER B 234 -13.61 2.80 8.23
C SER B 234 -14.61 3.46 7.28
N PRO B 235 -14.13 4.15 6.25
CA PRO B 235 -15.06 4.83 5.34
C PRO B 235 -16.00 3.87 4.62
N VAL B 236 -17.20 4.35 4.34
CA VAL B 236 -18.23 3.59 3.62
C VAL B 236 -18.13 3.96 2.15
N LEU B 237 -17.60 3.05 1.34
CA LEU B 237 -17.32 3.30 -0.08
C LEU B 237 -18.52 3.87 -0.84
N LEU B 238 -19.75 3.55 -0.41
CA LEU B 238 -20.93 3.95 -1.14
C LEU B 238 -21.32 5.41 -0.88
N GLU B 239 -20.69 6.06 0.10
CA GLU B 239 -20.83 7.49 0.33
C GLU B 239 -19.69 8.31 -0.26
N ASP B 240 -18.95 7.74 -1.18
CA ASP B 240 -17.74 8.39 -1.68
C ASP B 240 -18.11 9.52 -2.62
N PRO B 241 -17.54 10.74 -2.44
CA PRO B 241 -17.91 11.90 -3.27
C PRO B 241 -17.95 11.67 -4.78
N VAL B 242 -16.85 11.23 -5.38
CA VAL B 242 -16.82 11.14 -6.84
C VAL B 242 -17.90 10.18 -7.34
N LEU B 243 -18.11 9.08 -6.61
CA LEU B 243 -19.17 8.16 -6.99
C LEU B 243 -20.52 8.87 -7.01
N CYS B 244 -20.98 9.35 -5.85
CA CYS B 244 -22.27 10.04 -5.78
C CYS B 244 -22.40 11.10 -6.86
N ALA B 245 -21.30 11.82 -7.13
CA ALA B 245 -21.32 12.85 -8.17
C ALA B 245 -21.65 12.25 -9.52
N LEU B 246 -20.84 11.28 -9.96
CA LEU B 246 -21.07 10.71 -11.29
C LEU B 246 -22.37 9.90 -11.34
N ALA B 247 -22.90 9.49 -10.18
CA ALA B 247 -24.26 9.00 -10.09
C ALA B 247 -25.23 10.05 -10.60
N LYS B 248 -25.26 11.20 -9.92
CA LYS B 248 -26.17 12.27 -10.32
C LYS B 248 -25.97 12.60 -11.80
N LYS B 249 -24.72 12.59 -12.27
CA LYS B 249 -24.47 12.90 -13.67
C LYS B 249 -25.09 11.86 -14.62
N HIS B 250 -24.99 10.56 -14.29
CA HIS B 250 -25.51 9.51 -15.16
C HIS B 250 -26.88 9.01 -14.73
N LYS B 251 -27.46 9.67 -13.73
CA LYS B 251 -28.76 9.33 -13.20
C LYS B 251 -28.84 7.90 -12.65
N ARG B 252 -27.81 7.50 -11.93
CA ARG B 252 -27.73 6.19 -11.30
C ARG B 252 -27.55 6.23 -9.79
N THR B 253 -26.85 5.23 -9.26
CA THR B 253 -26.58 5.10 -7.83
C THR B 253 -25.08 4.85 -7.61
N PRO B 254 -24.59 5.06 -6.39
CA PRO B 254 -23.14 4.83 -6.22
C PRO B 254 -22.73 3.40 -6.51
N ALA B 255 -23.43 2.42 -5.94
CA ALA B 255 -23.13 1.03 -6.28
C ALA B 255 -23.11 0.81 -7.78
N LEU B 256 -24.04 1.43 -8.52
CA LEU B 256 -24.01 1.27 -9.97
C LEU B 256 -22.73 1.86 -10.57
N ILE B 257 -22.24 2.98 -10.02
CA ILE B 257 -20.98 3.51 -10.54
C ILE B 257 -19.83 2.57 -10.20
N ALA B 258 -19.75 2.12 -8.94
CA ALA B 258 -18.71 1.16 -8.57
C ALA B 258 -18.65 -0.01 -9.54
N LEU B 259 -19.82 -0.59 -9.83
CA LEU B 259 -19.87 -1.78 -10.68
C LEU B 259 -19.45 -1.43 -12.11
N ARG B 260 -20.03 -0.36 -12.69
CA ARG B 260 -19.65 0.01 -14.04
C ARG B 260 -18.18 0.35 -14.12
N TYR B 261 -17.66 0.97 -13.06
CA TYR B 261 -16.25 1.30 -12.93
C TYR B 261 -15.40 0.07 -13.08
N GLN B 262 -15.59 -0.90 -12.18
CA GLN B 262 -14.89 -2.16 -12.34
C GLN B 262 -15.12 -2.73 -13.73
N LEU B 263 -16.31 -2.52 -14.29
CA LEU B 263 -16.65 -3.22 -15.53
C LEU B 263 -15.93 -2.64 -16.74
N GLN B 264 -15.55 -1.38 -16.71
CA GLN B 264 -14.85 -0.88 -17.89
C GLN B 264 -13.33 -0.99 -17.77
N ARG B 265 -12.81 -1.23 -16.57
CA ARG B 265 -11.40 -1.61 -16.42
C ARG B 265 -11.14 -3.06 -16.75
N GLY B 266 -12.08 -3.75 -17.39
CA GLY B 266 -11.91 -5.17 -17.63
C GLY B 266 -11.99 -6.03 -16.40
N VAL B 267 -12.53 -5.53 -15.29
CA VAL B 267 -12.68 -6.30 -14.06
C VAL B 267 -14.04 -6.97 -14.06
N VAL B 268 -14.05 -8.30 -13.87
CA VAL B 268 -15.29 -9.00 -13.58
C VAL B 268 -15.71 -8.66 -12.16
N VAL B 269 -16.98 -8.30 -11.96
CA VAL B 269 -17.40 -7.73 -10.69
C VAL B 269 -18.55 -8.55 -10.11
N LEU B 270 -18.43 -8.83 -8.81
CA LEU B 270 -19.43 -9.47 -8.00
C LEU B 270 -20.25 -8.41 -7.29
N ALA B 271 -21.47 -8.79 -6.90
CA ALA B 271 -22.36 -7.89 -6.18
C ALA B 271 -23.25 -8.74 -5.30
N LYS B 272 -23.05 -8.63 -3.98
CA LYS B 272 -23.91 -9.25 -3.00
C LYS B 272 -25.06 -8.31 -2.67
N SER B 273 -26.27 -8.87 -2.67
CA SER B 273 -27.44 -8.16 -2.20
C SER B 273 -28.46 -9.23 -1.87
N TYR B 274 -28.98 -9.20 -0.64
CA TYR B 274 -30.13 -9.98 -0.25
C TYR B 274 -31.41 -9.13 -0.24
N ASN B 275 -31.42 -8.00 -0.97
CA ASN B 275 -32.56 -7.09 -1.05
C ASN B 275 -33.11 -7.12 -2.46
N GLU B 276 -34.41 -7.45 -2.58
CA GLU B 276 -34.98 -7.68 -3.90
C GLU B 276 -34.84 -6.46 -4.80
N GLN B 277 -35.16 -5.28 -4.26
CA GLN B 277 -34.98 -4.04 -5.01
C GLN B 277 -33.54 -3.86 -5.47
N ARG B 278 -32.60 -3.99 -4.54
CA ARG B 278 -31.20 -3.76 -4.88
C ARG B 278 -30.68 -4.80 -5.87
N ILE B 279 -31.07 -6.07 -5.69
CA ILE B 279 -30.72 -7.11 -6.64
C ILE B 279 -31.14 -6.71 -8.05
N ARG B 280 -32.40 -6.28 -8.21
CA ARG B 280 -32.85 -5.85 -9.53
C ARG B 280 -32.12 -4.58 -9.97
N GLN B 281 -31.69 -3.74 -9.03
CA GLN B 281 -30.98 -2.53 -9.44
C GLN B 281 -29.63 -2.85 -10.07
N ASN B 282 -28.92 -3.82 -9.50
CA ASN B 282 -27.53 -4.03 -9.91
C ASN B 282 -27.40 -4.45 -11.37
N VAL B 283 -28.43 -5.08 -11.95
CA VAL B 283 -28.35 -5.44 -13.36
C VAL B 283 -28.47 -4.23 -14.30
N GLN B 284 -28.84 -3.06 -13.77
CA GLN B 284 -28.83 -1.85 -14.60
C GLN B 284 -27.43 -1.46 -15.07
N VAL B 285 -26.37 -2.09 -14.54
CA VAL B 285 -25.02 -1.67 -14.86
C VAL B 285 -24.72 -1.75 -16.35
N PHE B 286 -25.49 -2.55 -17.10
CA PHE B 286 -25.26 -2.67 -18.53
C PHE B 286 -25.97 -1.57 -19.34
N GLU B 287 -26.63 -0.62 -18.68
CA GLU B 287 -27.53 0.31 -19.36
C GLU B 287 -26.89 1.68 -19.64
N PHE B 288 -25.62 1.89 -19.34
CA PHE B 288 -25.00 3.19 -19.54
C PHE B 288 -23.49 3.01 -19.67
N GLN B 289 -22.81 4.13 -19.98
CA GLN B 289 -21.36 4.13 -20.14
C GLN B 289 -20.77 5.35 -19.44
N LEU B 290 -19.66 5.14 -18.74
CA LEU B 290 -18.90 6.26 -18.22
C LEU B 290 -17.91 6.74 -19.28
N THR B 291 -17.61 8.04 -19.24
CA THR B 291 -16.69 8.64 -20.18
C THR B 291 -15.25 8.22 -19.86
N ALA B 292 -14.37 8.36 -20.87
CA ALA B 292 -12.94 8.14 -20.63
C ALA B 292 -12.44 8.99 -19.47
N GLU B 293 -13.02 10.17 -19.28
CA GLU B 293 -12.69 11.00 -18.12
C GLU B 293 -13.26 10.43 -16.83
N ASP B 294 -14.44 9.80 -16.91
CA ASP B 294 -15.21 9.50 -15.70
C ASP B 294 -14.45 8.59 -14.74
N MET B 295 -13.67 7.63 -15.27
CA MET B 295 -12.86 6.77 -14.41
C MET B 295 -11.96 7.61 -13.50
N LYS B 296 -11.21 8.57 -14.10
CA LYS B 296 -10.16 9.31 -13.39
C LYS B 296 -10.62 9.77 -12.02
N ALA B 297 -11.81 10.36 -11.96
CA ALA B 297 -12.26 10.94 -10.71
C ALA B 297 -12.46 9.87 -9.63
N ILE B 298 -12.97 8.69 -10.00
CA ILE B 298 -13.11 7.60 -9.02
C ILE B 298 -11.73 7.07 -8.62
N ASP B 299 -10.82 7.03 -9.58
CA ASP B 299 -9.48 6.50 -9.36
C ASP B 299 -8.77 7.24 -8.25
N GLY B 300 -9.00 8.53 -8.16
CA GLY B 300 -8.34 9.37 -7.17
C GLY B 300 -8.56 9.05 -5.70
N LEU B 301 -9.65 8.39 -5.36
CA LEU B 301 -9.90 8.07 -3.96
C LEU B 301 -9.34 6.72 -3.54
N ASP B 302 -8.48 6.11 -4.34
CA ASP B 302 -7.88 4.85 -3.91
C ASP B 302 -7.06 5.22 -2.67
N ARG B 303 -7.31 4.54 -1.56
CA ARG B 303 -6.60 4.81 -0.31
C ARG B 303 -5.85 3.60 0.18
N ASN B 304 -5.69 2.60 -0.68
CA ASN B 304 -5.07 1.34 -0.29
C ASN B 304 -5.55 0.85 1.08
N LEU B 305 -6.86 0.83 1.25
CA LEU B 305 -7.49 0.26 2.44
C LEU B 305 -8.20 -1.02 2.02
N HIS B 306 -7.85 -2.13 2.66
CA HIS B 306 -8.64 -3.34 2.49
C HIS B 306 -9.59 -3.46 3.67
N TYR B 307 -10.88 -3.66 3.35
CA TYR B 307 -11.89 -3.76 4.41
C TYR B 307 -11.68 -5.00 5.25
N PHE B 308 -11.22 -6.10 4.64
CA PHE B 308 -10.87 -7.27 5.41
C PHE B 308 -9.60 -6.98 6.20
N ASN B 309 -9.70 -7.06 7.53
CA ASN B 309 -8.54 -6.92 8.40
C ASN B 309 -8.01 -8.32 8.66
N SER B 310 -6.90 -8.66 8.02
CA SER B 310 -6.30 -9.99 8.11
C SER B 310 -5.03 -9.97 8.95
N ASP B 311 -4.84 -8.91 9.75
CA ASP B 311 -3.55 -8.72 10.42
C ASP B 311 -3.22 -9.88 11.34
N SER B 312 -4.23 -10.50 11.95
CA SER B 312 -4.03 -11.68 12.78
C SER B 312 -3.34 -12.83 12.04
N PHE B 313 -3.20 -12.74 10.72
CA PHE B 313 -2.69 -13.85 9.93
C PHE B 313 -1.40 -13.51 9.20
N ALA B 314 -0.74 -12.39 9.55
CA ALA B 314 0.55 -12.08 8.95
C ALA B 314 1.59 -13.15 9.27
N SER B 315 1.37 -13.93 10.34
CA SER B 315 2.27 -15.02 10.67
C SER B 315 2.34 -16.09 9.60
N HIS B 316 1.35 -16.14 8.70
CA HIS B 316 1.26 -17.25 7.76
C HIS B 316 2.29 -17.07 6.64
N PRO B 317 3.06 -18.11 6.31
CA PRO B 317 4.00 -17.98 5.19
C PRO B 317 3.36 -17.48 3.90
N ASN B 318 2.10 -17.81 3.66
CA ASN B 318 1.42 -17.42 2.44
C ASN B 318 0.55 -16.17 2.61
N TYR B 319 0.67 -15.47 3.73
CA TYR B 319 -0.06 -14.23 3.96
C TYR B 319 0.16 -13.29 2.77
N PRO B 320 -0.90 -12.90 2.06
CA PRO B 320 -0.70 -12.25 0.75
C PRO B 320 -0.43 -10.76 0.81
N TYR B 321 -0.57 -10.08 1.95
CA TYR B 321 -0.39 -8.63 2.00
C TYR B 321 0.98 -8.21 2.53
N SER B 322 1.97 -9.09 2.45
CA SER B 322 3.27 -8.81 3.05
C SER B 322 3.92 -7.60 2.39
N ASP B 323 4.74 -6.89 3.17
CA ASP B 323 5.48 -5.71 2.70
C ASP B 323 4.54 -4.58 2.28
N GLU B 324 3.40 -4.47 2.98
CA GLU B 324 2.46 -3.38 2.74
C GLU B 324 2.99 -2.05 3.29
N TYR B 325 3.91 -2.10 4.24
CA TYR B 325 4.49 -0.93 4.85
C TYR B 325 5.78 -1.36 5.56
PA NAP C . 8.75 20.24 0.96
O1A NAP C . 7.56 19.32 0.69
O2A NAP C . 9.19 20.51 2.39
O5B NAP C . 8.35 21.68 0.33
C5B NAP C . 7.64 21.73 -0.91
C4B NAP C . 7.45 23.14 -1.46
O4B NAP C . 6.54 23.89 -0.65
C3B NAP C . 8.73 23.97 -1.45
O3B NAP C . 9.39 23.94 -2.69
C2B NAP C . 8.31 25.40 -1.12
O2B NAP C . 8.50 26.26 -2.24
C1B NAP C . 6.86 25.29 -0.76
N9A NAP C . 6.67 25.96 0.54
C8A NAP C . 7.56 25.99 1.57
N7A NAP C . 7.05 26.69 2.63
C5A NAP C . 5.82 27.13 2.27
C6A NAP C . 4.75 27.93 2.89
N6A NAP C . 4.89 28.40 4.14
N1A NAP C . 3.62 28.15 2.17
C2A NAP C . 3.46 27.69 0.91
N3A NAP C . 4.40 26.96 0.28
C4A NAP C . 5.58 26.65 0.89
O3 NAP C . 9.92 19.92 -0.06
PN NAP C . 10.86 18.61 -0.19
O1N NAP C . 12.07 19.16 -0.87
O2N NAP C . 10.10 17.49 -0.89
O5D NAP C . 11.11 18.12 1.31
C5D NAP C . 11.88 18.92 2.18
C4D NAP C . 13.27 18.33 2.42
O4D NAP C . 13.25 16.94 2.72
C3D NAP C . 14.19 18.45 1.23
O3D NAP C . 14.61 19.81 0.99
C2D NAP C . 15.28 17.45 1.57
O2D NAP C . 16.19 18.06 2.51
C1D NAP C . 14.49 16.36 2.29
N1N NAP C . 14.16 15.23 1.41
C2N NAP C . 14.61 14.01 1.74
C3N NAP C . 14.34 12.90 0.94
C7N NAP C . 14.87 11.54 1.30
O7N NAP C . 14.91 10.70 0.42
N7N NAP C . 15.28 11.29 2.55
C4N NAP C . 13.59 13.08 -0.22
C5N NAP C . 13.11 14.34 -0.54
C6N NAP C . 13.41 15.40 0.31
P2B NAP C . 9.38 27.62 -2.08
O1X NAP C . 10.82 27.16 -2.14
O2X NAP C . 8.94 28.43 -3.28
O3X NAP C . 8.91 28.19 -0.75
C00 FJR D . 15.51 13.45 -4.64
C01 FJR D . 15.44 14.62 -3.89
C02 FJR D . 15.81 14.61 -2.56
C03 FJR D . 16.25 13.43 -1.99
C04 FJR D . 18.44 4.39 -5.21
C05 FJR D . 17.71 3.92 -6.31
C06 FJR D . 16.63 4.65 -6.79
C07 FJR D . 16.27 5.84 -6.17
C08 FJR D . 18.08 5.58 -4.60
C09 FJR D . 16.99 6.31 -5.10
C13 FJR D . 16.54 8.66 -5.10
C14 FJR D . 16.46 9.91 -4.27
C15 FJR D . 16.02 11.11 -4.84
C16 FJR D . 15.95 12.27 -4.07
C17 FJR D . 16.33 12.26 -2.73
C19 FJR D . 16.85 9.92 -2.84
C20 FJR D . 18.07 2.64 -6.98
N01 FJR D . 16.65 7.47 -4.49
N02 FJR D . 17.30 8.78 -2.24
O01 FJR D . 16.77 11.10 -2.13
O02 FJR D . 16.64 13.40 -0.67
O04 FJR D . 16.53 8.77 -6.32
PA NAP E . -20.41 -6.42 -1.62
O1A NAP E . -19.25 -5.44 -1.41
O2A NAP E . -20.76 -6.92 -3.02
O5B NAP E . -21.75 -5.65 -1.13
C5B NAP E . -21.75 -4.98 0.14
C4B NAP E . -23.17 -4.55 0.52
O4B NAP E . -23.70 -3.58 -0.40
C3B NAP E . -24.16 -5.69 0.51
O3B NAP E . -24.27 -6.22 1.82
C2B NAP E . -25.47 -5.08 0.03
O2B NAP E . -26.42 -5.00 1.09
C1B NAP E . -25.14 -3.67 -0.36
N9A NAP E . -25.62 -3.33 -1.70
C8A NAP E . -25.59 -4.11 -2.79
N7A NAP E . -26.08 -3.45 -3.86
C5A NAP E . -26.46 -2.23 -3.44
C6A NAP E . -27.09 -1.04 -4.05
N6A NAP E . -27.41 -1.04 -5.37
N1A NAP E . -27.32 0.03 -3.25
C2A NAP E . -27.00 0.03 -1.93
N3A NAP E . -26.43 -1.02 -1.30
C4A NAP E . -26.16 -2.15 -2.00
O3 NAP E . -20.33 -7.57 -0.49
PN NAP E . -19.24 -8.78 -0.28
O1N NAP E . -20.03 -9.88 0.38
O2N NAP E . -18.01 -8.28 0.44
O5D NAP E . -18.77 -9.18 -1.77
C5D NAP E . -19.70 -9.82 -2.64
C4D NAP E . -19.36 -11.30 -2.77
O4D NAP E . -17.99 -11.50 -3.04
C3D NAP E . -19.62 -12.09 -1.52
O3D NAP E . -21.01 -12.29 -1.27
C2D NAP E . -18.81 -13.35 -1.80
O2D NAP E . -19.60 -14.18 -2.66
C1D NAP E . -17.62 -12.78 -2.56
N1N NAP E . -16.47 -12.66 -1.66
C2N NAP E . -15.38 -13.42 -1.89
C3N NAP E . -14.28 -13.34 -1.03
C7N NAP E . -13.03 -14.15 -1.24
O7N NAP E . -12.27 -14.25 -0.28
N7N NAP E . -12.76 -14.70 -2.43
C4N NAP E . -14.34 -12.52 0.08
C5N NAP E . -15.49 -11.76 0.32
C6N NAP E . -16.53 -11.85 -0.58
P2B NAP E . -27.90 -5.64 0.93
O1X NAP E . -27.67 -7.14 0.90
O2X NAP E . -28.63 -5.20 2.18
O3X NAP E . -28.38 -5.03 -0.36
C00 FJR F . -15.15 -14.21 4.66
C01 FJR F . -16.27 -13.98 3.86
C02 FJR F . -16.24 -14.38 2.53
C03 FJR F . -15.11 -14.98 2.01
C04 FJR F . -6.88 -18.79 5.85
C05 FJR F . -6.21 -17.99 6.78
C06 FJR F . -6.67 -16.70 7.04
C07 FJR F . -7.79 -16.22 6.38
C08 FJR F . -8.01 -18.31 5.20
C09 FJR F . -8.47 -17.03 5.47
C13 FJR F . -10.56 -15.85 5.29
C14 FJR F . -11.76 -15.61 4.42
C15 FJR F . -12.89 -15.02 4.93
C16 FJR F . -14.01 -14.81 4.14
C17 FJR F . -13.99 -15.19 2.81
C19 FJR F . -11.77 -16.02 3.00
C20 FJR F . -4.99 -18.50 7.49
N01 FJR F . -9.56 -16.61 4.80
N02 FJR F . -10.69 -16.62 2.42
O01 FJR F . -12.89 -15.78 2.26
O02 FJR F . -15.07 -15.41 0.70
O04 FJR F . -10.59 -15.38 6.42
#